data_6GKV
#
_entry.id   6GKV
#
_cell.length_a   48.470
_cell.length_b   96.050
_cell.length_c   154.630
_cell.angle_alpha   90.000
_cell.angle_beta   90.000
_cell.angle_gamma   90.000
#
_symmetry.space_group_name_H-M   'P 21 21 21'
#
loop_
_entity.id
_entity.type
_entity.pdbx_description
1 polymer 'Coclaurine N-methyltransferase'
2 non-polymer S-ADENOSYL-L-HOMOCYSTEINE
3 non-polymer 6,7-dimethoxy-2-methyl-1,2,3,4-tetrahydroisoquinolin-2-ium
4 water water
#
_entity_poly.entity_id   1
_entity_poly.type   'polypeptide(L)'
_entity_poly.pdbx_seq_one_letter_code
;QTKKAAIVELLKQLELGLVPYDDIKQLIRRELARRLQWGYKPTYEEQIAEIQNLTHSLRQMKIATEVETLDSQLYEIPIE
FLKIMNGSNLKGSCCYFKEDSTTLDEAEIAMLDLYCERAQIQDGQSVLDLGCGQGALTLHVAQKYKNCRVTAVTNSVSQK
EYIEEESRRRNLLNVEVKLADITTHEMAETYDRILVIELFEHMKNYELLLRKISEWISKDGLLFLEHICHKTFAYHYEPL
DDDDWFTEYVFPAGTMIIPSASFFLYFQDDVSVVNHWTLSGKHFSRTNEEWLKRLDANLDVIKPMFETLMGNEEEAVKLI
NYWRGFCLSGMEMFGYNNGEEWMASHVLFKK
;
_entity_poly.pdbx_strand_id   A,B
#
# COMPACT_ATOMS: atom_id res chain seq x y z
N GLN A 1 -0.49 10.63 38.87
CA GLN A 1 -0.42 10.29 40.28
C GLN A 1 -1.40 9.17 40.63
N THR A 2 -2.66 9.57 40.75
CA THR A 2 -3.72 8.70 41.22
C THR A 2 -4.39 7.97 40.07
N LYS A 3 -4.10 8.43 38.86
CA LYS A 3 -4.60 7.78 37.65
C LYS A 3 -3.77 6.53 37.32
N LYS A 4 -2.54 6.49 37.82
CA LYS A 4 -1.69 5.30 37.71
C LYS A 4 -2.27 4.20 38.59
N ALA A 5 -2.70 4.60 39.79
CA ALA A 5 -3.29 3.70 40.77
C ALA A 5 -4.75 3.36 40.46
N ALA A 6 -5.49 4.29 39.87
CA ALA A 6 -6.83 4.01 39.36
C ALA A 6 -6.81 2.85 38.37
N ILE A 7 -5.78 2.80 37.54
CA ILE A 7 -5.63 1.78 36.52
C ILE A 7 -5.36 0.39 37.07
N VAL A 8 -4.44 0.31 38.03
CA VAL A 8 -4.06 -0.96 38.66
C VAL A 8 -5.20 -1.55 39.47
N GLU A 9 -6.08 -0.70 39.98
CA GLU A 9 -7.30 -1.18 40.64
C GLU A 9 -8.25 -1.78 39.60
N LEU A 10 -8.36 -1.14 38.45
CA LEU A 10 -9.20 -1.64 37.35
C LEU A 10 -8.74 -3.00 36.87
N LEU A 11 -7.46 -3.11 36.56
CA LEU A 11 -6.85 -4.39 36.18
C LEU A 11 -7.18 -5.50 37.20
N LYS A 12 -7.14 -5.25 38.51
CA LYS A 12 -7.47 -6.34 39.45
C LYS A 12 -8.95 -6.69 39.54
N GLN A 13 -9.79 -5.69 39.43
CA GLN A 13 -11.21 -5.93 39.30
C GLN A 13 -11.58 -6.83 38.11
N LEU A 14 -10.88 -6.59 37.00
CA LEU A 14 -11.04 -7.40 35.79
C LEU A 14 -10.57 -8.82 36.05
N GLU A 15 -9.36 -8.98 36.57
CA GLU A 15 -8.85 -10.29 37.02
C GLU A 15 -9.85 -11.03 37.95
N LEU A 16 -10.55 -10.27 38.79
CA LEU A 16 -11.45 -10.86 39.79
C LEU A 16 -12.84 -11.03 39.23
N GLY A 17 -13.08 -10.43 38.06
CA GLY A 17 -14.35 -10.59 37.39
C GLY A 17 -15.46 -9.78 38.02
N LEU A 18 -15.10 -8.60 38.52
CA LEU A 18 -16.04 -7.73 39.25
C LEU A 18 -16.61 -6.59 38.42
N VAL A 19 -16.16 -6.49 37.17
CA VAL A 19 -16.63 -5.43 36.27
C VAL A 19 -17.55 -6.04 35.19
N PRO A 20 -18.78 -5.51 35.08
CA PRO A 20 -19.78 -6.06 34.14
C PRO A 20 -19.31 -5.92 32.69
N TYR A 21 -19.74 -6.83 31.81
CA TYR A 21 -19.26 -6.86 30.42
C TYR A 21 -19.35 -5.53 29.70
N ASP A 22 -20.45 -4.83 29.87
CA ASP A 22 -20.72 -3.57 29.18
C ASP A 22 -19.79 -2.47 29.62
N ASP A 23 -19.50 -2.43 30.92
CA ASP A 23 -18.55 -1.49 31.46
C ASP A 23 -17.16 -1.74 30.87
N ILE A 24 -16.85 -3.00 30.56
CA ILE A 24 -15.55 -3.37 30.02
C ILE A 24 -15.44 -2.93 28.58
N LYS A 25 -16.49 -3.23 27.81
CA LYS A 25 -16.60 -2.79 26.41
C LYS A 25 -16.51 -1.26 26.30
N GLN A 26 -17.27 -0.55 27.13
CA GLN A 26 -17.17 0.90 27.17
C GLN A 26 -15.74 1.40 27.41
N LEU A 27 -15.01 0.77 28.32
CA LEU A 27 -13.66 1.24 28.64
C LEU A 27 -12.66 0.91 27.52
N ILE A 28 -12.89 -0.24 26.89
CA ILE A 28 -12.06 -0.68 25.77
C ILE A 28 -12.22 0.32 24.62
N ARG A 29 -13.47 0.63 24.29
CA ARG A 29 -13.77 1.57 23.20
C ARG A 29 -13.08 2.90 23.40
N ARG A 30 -12.88 3.28 24.65
CA ARG A 30 -12.28 4.57 24.96
C ARG A 30 -10.81 4.55 24.60
N GLU A 31 -10.17 3.41 24.83
CA GLU A 31 -8.75 3.24 24.49
C GLU A 31 -8.59 3.14 22.98
N LEU A 32 -9.43 2.30 22.37
CA LEU A 32 -9.49 2.18 20.92
C LEU A 32 -9.56 3.56 20.26
N ALA A 33 -10.59 4.32 20.62
CA ALA A 33 -10.74 5.70 20.17
C ALA A 33 -9.41 6.43 20.25
N ARG A 34 -8.73 6.29 21.39
CA ARG A 34 -7.46 6.99 21.58
C ARG A 34 -6.33 6.46 20.71
N ARG A 35 -6.39 5.18 20.33
CA ARG A 35 -5.35 4.61 19.47
C ARG A 35 -5.56 5.12 18.04
N LEU A 36 -6.82 5.14 17.60
CA LEU A 36 -7.14 5.76 16.31
C LEU A 36 -6.61 7.19 16.24
N GLN A 37 -6.72 7.91 17.34
CA GLN A 37 -6.34 9.32 17.38
C GLN A 37 -4.84 9.46 17.28
N TRP A 38 -4.14 8.52 17.91
CA TRP A 38 -2.70 8.48 17.92
C TRP A 38 -2.18 7.93 16.58
N GLY A 39 -2.97 7.03 15.99
CA GLY A 39 -2.65 6.44 14.72
C GLY A 39 -2.83 7.28 13.46
N TYR A 40 -4.00 7.90 13.28
CA TYR A 40 -4.23 8.71 12.08
C TYR A 40 -3.39 9.99 12.11
N LYS A 41 -2.96 10.44 10.91
CA LYS A 41 -2.12 11.63 10.80
C LYS A 41 -2.82 12.72 10.00
N PRO A 42 -2.55 13.98 10.33
CA PRO A 42 -3.31 15.03 9.65
C PRO A 42 -2.93 15.18 8.16
N THR A 43 -1.73 14.78 7.77
CA THR A 43 -1.37 14.80 6.35
C THR A 43 -1.02 13.40 5.87
N TYR A 44 -1.33 13.09 4.62
CA TYR A 44 -1.02 11.77 4.09
C TYR A 44 0.49 11.53 4.10
N GLU A 45 1.25 12.61 3.90
CA GLU A 45 2.70 12.55 3.85
C GLU A 45 3.24 11.97 5.16
N GLU A 46 2.68 12.45 6.27
CA GLU A 46 3.05 11.98 7.61
C GLU A 46 2.60 10.55 7.85
N GLN A 47 1.43 10.21 7.34
CA GLN A 47 0.94 8.84 7.44
C GLN A 47 1.90 7.86 6.76
N ILE A 48 2.37 8.20 5.54
CA ILE A 48 3.20 7.27 4.76
C ILE A 48 4.59 7.18 5.38
N ALA A 49 5.13 8.32 5.81
CA ALA A 49 6.38 8.38 6.56
C ALA A 49 6.36 7.52 7.83
N GLU A 50 5.24 7.48 8.55
CA GLU A 50 5.08 6.55 9.70
C GLU A 50 5.21 5.09 9.28
N ILE A 51 4.65 4.74 8.14
CA ILE A 51 4.78 3.37 7.68
C ILE A 51 6.24 3.05 7.35
N GLN A 52 6.99 4.06 6.92
CA GLN A 52 8.38 3.85 6.50
C GLN A 52 9.32 3.74 7.71
N ASN A 53 9.02 4.52 8.75
CA ASN A 53 9.76 4.47 9.99
C ASN A 53 9.70 3.08 10.57
N LEU A 54 8.51 2.49 10.54
CA LEU A 54 8.35 1.14 11.06
C LEU A 54 8.94 0.07 10.10
N THR A 55 8.64 0.14 8.81
CA THR A 55 9.21 -0.86 7.88
C THR A 55 10.72 -0.89 7.98
N HIS A 56 11.33 0.27 8.18
CA HIS A 56 12.79 0.36 8.21
C HIS A 56 13.38 -0.11 9.53
N SER A 57 12.72 0.21 10.64
CA SER A 57 13.27 -0.14 11.95
C SER A 57 13.21 -1.66 12.15
N LEU A 58 12.16 -2.30 11.63
CA LEU A 58 12.04 -3.74 11.72
C LEU A 58 13.19 -4.47 11.01
N ARG A 59 13.65 -3.91 9.88
CA ARG A 59 14.72 -4.53 9.09
C ARG A 59 16.07 -4.62 9.83
N GLN A 60 16.21 -3.88 10.92
CA GLN A 60 17.40 -4.01 11.76
C GLN A 60 17.25 -4.97 12.95
N MET A 61 16.03 -5.42 13.22
CA MET A 61 15.79 -6.31 14.35
C MET A 61 16.20 -7.73 13.98
N LYS A 62 15.91 -8.70 14.84
CA LYS A 62 16.02 -10.11 14.46
C LYS A 62 14.63 -10.57 14.03
N ILE A 63 14.51 -11.81 13.56
CA ILE A 63 13.22 -12.30 13.06
C ILE A 63 12.12 -12.24 14.13
N ALA A 64 12.46 -12.62 15.35
CA ALA A 64 11.49 -12.58 16.45
C ALA A 64 12.17 -12.30 17.77
N THR A 65 11.43 -11.65 18.66
CA THR A 65 11.85 -11.49 20.06
C THR A 65 10.83 -12.16 20.96
N GLU A 66 11.24 -12.38 22.22
CA GLU A 66 10.39 -13.00 23.25
C GLU A 66 9.75 -14.31 22.77
N VAL A 67 10.53 -15.17 22.12
CA VAL A 67 9.98 -16.32 21.39
C VAL A 67 9.45 -17.44 22.29
N GLU A 68 10.23 -17.86 23.26
CA GLU A 68 9.83 -18.98 24.12
C GLU A 68 9.01 -18.51 25.33
N THR A 69 9.13 -17.24 25.72
CA THR A 69 8.20 -16.65 26.70
C THR A 69 6.87 -16.23 26.03
N LEU A 70 6.80 -16.31 24.70
CA LEU A 70 5.53 -16.21 23.97
C LEU A 70 4.85 -17.58 23.91
N ASP A 71 5.66 -18.63 23.68
CA ASP A 71 5.13 -20.00 23.67
C ASP A 71 4.71 -20.47 25.07
N SER A 72 5.12 -19.75 26.11
CA SER A 72 4.79 -20.15 27.48
C SER A 72 3.51 -19.52 28.01
N GLN A 73 3.38 -18.21 27.85
CA GLN A 73 2.20 -17.50 28.37
C GLN A 73 0.98 -17.84 27.52
N LEU A 74 1.24 -18.06 26.25
CA LEU A 74 0.22 -18.28 25.24
C LEU A 74 0.67 -19.51 24.43
N TYR A 75 -0.24 -20.12 23.66
CA TYR A 75 0.12 -21.18 22.70
C TYR A 75 0.60 -22.53 23.30
N GLU A 76 0.65 -22.64 24.62
CA GLU A 76 0.77 -23.94 25.29
C GLU A 76 -0.50 -24.20 26.11
N ILE A 77 -1.63 -24.05 25.45
CA ILE A 77 -2.92 -24.14 26.11
C ILE A 77 -3.46 -25.56 26.05
N PRO A 78 -3.94 -26.08 27.20
CA PRO A 78 -4.59 -27.38 27.22
C PRO A 78 -5.70 -27.50 26.18
N ILE A 79 -5.60 -28.56 25.39
CA ILE A 79 -6.50 -28.78 24.28
C ILE A 79 -7.96 -28.89 24.74
N GLU A 80 -8.16 -29.47 25.93
CA GLU A 80 -9.48 -29.67 26.52
C GLU A 80 -10.25 -28.36 26.70
N PHE A 81 -9.49 -27.30 26.94
CA PHE A 81 -10.04 -25.95 27.02
C PHE A 81 -10.38 -25.42 25.64
N LEU A 82 -9.54 -25.72 24.65
CA LEU A 82 -9.74 -25.19 23.32
C LEU A 82 -10.99 -25.80 22.63
N LYS A 83 -11.27 -27.08 22.89
CA LYS A 83 -12.44 -27.70 22.27
C LYS A 83 -13.74 -27.11 22.78
N ILE A 84 -13.70 -26.49 23.95
CA ILE A 84 -14.87 -25.84 24.50
C ILE A 84 -15.00 -24.40 23.95
N MET A 85 -13.91 -23.64 23.99
CA MET A 85 -13.96 -22.27 23.52
C MET A 85 -14.00 -22.19 21.99
N ASN A 86 -13.14 -22.96 21.32
CA ASN A 86 -13.11 -22.95 19.85
C ASN A 86 -14.19 -23.87 19.30
N GLY A 87 -14.46 -23.77 18.00
CA GLY A 87 -15.39 -24.65 17.31
C GLY A 87 -14.78 -26.01 16.99
N SER A 88 -15.39 -26.75 16.07
CA SER A 88 -14.99 -28.14 15.78
C SER A 88 -13.56 -28.36 15.30
N ASN A 89 -12.98 -27.38 14.59
CA ASN A 89 -11.64 -27.51 14.04
C ASN A 89 -10.57 -26.84 14.90
N LEU A 90 -11.00 -26.18 15.97
CA LEU A 90 -10.08 -25.53 16.89
C LEU A 90 -9.28 -24.48 16.14
N LYS A 91 -9.99 -23.64 15.40
CA LYS A 91 -9.35 -22.58 14.67
C LYS A 91 -9.16 -21.40 15.61
N GLY A 92 -7.89 -21.06 15.89
CA GLY A 92 -7.58 -20.01 16.84
C GLY A 92 -7.22 -18.73 16.12
N SER A 93 -7.97 -18.47 15.04
CA SER A 93 -7.76 -17.32 14.18
C SER A 93 -9.08 -16.96 13.48
N CYS A 94 -9.09 -15.86 12.72
CA CYS A 94 -10.34 -15.30 12.20
C CYS A 94 -11.23 -16.29 11.42
N CYS A 95 -12.51 -16.34 11.75
CA CYS A 95 -13.46 -17.14 11.00
C CYS A 95 -14.31 -16.25 10.09
N TYR A 96 -15.05 -16.87 9.18
CA TYR A 96 -15.78 -16.11 8.17
C TYR A 96 -17.28 -16.29 8.29
N PHE A 97 -17.94 -15.20 8.65
CA PHE A 97 -19.39 -15.20 8.79
C PHE A 97 -20.01 -14.43 7.61
N LYS A 98 -20.59 -15.17 6.65
CA LYS A 98 -21.26 -14.54 5.51
C LYS A 98 -22.66 -14.06 5.90
N GLU A 99 -23.41 -14.87 6.65
CA GLU A 99 -24.75 -14.48 7.05
C GLU A 99 -24.97 -14.41 8.56
N ASP A 100 -25.90 -13.57 8.97
CA ASP A 100 -26.22 -13.36 10.38
C ASP A 100 -26.48 -14.64 11.20
N SER A 101 -26.95 -15.71 10.56
CA SER A 101 -27.15 -16.98 11.26
C SER A 101 -26.02 -17.99 11.00
N THR A 102 -24.85 -17.50 10.61
CA THR A 102 -23.71 -18.38 10.48
C THR A 102 -23.27 -18.83 11.85
N THR A 103 -23.13 -20.14 12.05
CA THR A 103 -22.60 -20.70 13.29
C THR A 103 -21.07 -20.57 13.34
N LEU A 104 -20.48 -20.81 14.49
CA LEU A 104 -19.03 -20.73 14.60
C LEU A 104 -18.39 -21.84 13.77
N ASP A 105 -19.00 -23.02 13.84
CA ASP A 105 -18.47 -24.18 13.12
C ASP A 105 -18.46 -23.89 11.63
N GLU A 106 -19.61 -23.48 11.12
CA GLU A 106 -19.77 -23.05 9.74
C GLU A 106 -18.71 -22.01 9.36
N ALA A 107 -18.42 -21.11 10.29
CA ALA A 107 -17.57 -19.97 9.98
C ALA A 107 -16.12 -20.40 9.87
N GLU A 108 -15.71 -21.32 10.75
CA GLU A 108 -14.37 -21.92 10.68
C GLU A 108 -14.19 -22.51 9.28
N ILE A 109 -15.13 -23.37 8.90
CA ILE A 109 -15.16 -24.02 7.58
C ILE A 109 -15.07 -23.03 6.41
N ALA A 110 -15.85 -21.96 6.46
CA ALA A 110 -15.87 -20.97 5.39
C ALA A 110 -14.52 -20.27 5.20
N MET A 111 -13.85 -19.90 6.28
CA MET A 111 -12.50 -19.32 6.16
C MET A 111 -11.50 -20.34 5.58
N LEU A 112 -11.58 -21.59 6.04
CA LEU A 112 -10.64 -22.62 5.64
C LEU A 112 -10.78 -22.87 4.13
N ASP A 113 -12.03 -22.96 3.67
CA ASP A 113 -12.33 -23.05 2.25
C ASP A 113 -11.75 -21.87 1.48
N LEU A 114 -11.97 -20.66 2.02
CA LEU A 114 -11.49 -19.45 1.38
C LEU A 114 -9.96 -19.43 1.24
N TYR A 115 -9.25 -19.99 2.21
CA TYR A 115 -7.80 -20.10 2.14
C TYR A 115 -7.37 -20.97 0.96
N CYS A 116 -8.07 -22.09 0.77
CA CYS A 116 -7.76 -23.03 -0.30
C CYS A 116 -8.03 -22.42 -1.65
N GLU A 117 -9.09 -21.62 -1.71
CA GLU A 117 -9.45 -20.89 -2.91
C GLU A 117 -8.36 -19.88 -3.26
N ARG A 118 -8.02 -19.04 -2.29
CA ARG A 118 -7.12 -17.91 -2.56
C ARG A 118 -5.66 -18.34 -2.70
N ALA A 119 -5.29 -19.44 -2.04
CA ALA A 119 -3.95 -19.99 -2.21
C ALA A 119 -3.92 -20.97 -3.39
N GLN A 120 -5.11 -21.28 -3.92
CA GLN A 120 -5.26 -22.14 -5.10
C GLN A 120 -4.64 -23.50 -4.90
N ILE A 121 -4.91 -24.08 -3.72
CA ILE A 121 -4.51 -25.44 -3.45
C ILE A 121 -5.20 -26.33 -4.48
N GLN A 122 -4.52 -27.39 -4.90
CA GLN A 122 -5.04 -28.33 -5.89
C GLN A 122 -4.58 -29.73 -5.52
N ASP A 123 -5.39 -30.73 -5.88
CA ASP A 123 -5.26 -32.09 -5.34
C ASP A 123 -3.84 -32.70 -5.27
N GLY A 124 -2.92 -32.26 -6.12
CA GLY A 124 -1.60 -32.90 -6.14
C GLY A 124 -0.43 -32.16 -5.53
N GLN A 125 -0.68 -31.35 -4.50
CA GLN A 125 0.34 -30.40 -4.04
C GLN A 125 0.95 -30.71 -2.69
N SER A 126 2.14 -30.16 -2.46
CA SER A 126 2.85 -30.28 -1.19
C SER A 126 2.60 -29.01 -0.37
N VAL A 127 1.97 -29.14 0.79
CA VAL A 127 1.53 -27.95 1.52
C VAL A 127 2.19 -27.79 2.88
N LEU A 128 2.74 -26.61 3.12
CA LEU A 128 3.38 -26.27 4.39
C LEU A 128 2.55 -25.26 5.19
N ASP A 129 2.22 -25.63 6.42
CA ASP A 129 1.40 -24.79 7.27
C ASP A 129 2.24 -24.22 8.41
N LEU A 130 2.74 -23.00 8.22
CA LEU A 130 3.64 -22.37 9.19
C LEU A 130 2.87 -21.74 10.34
N GLY A 131 3.10 -22.27 11.54
CA GLY A 131 2.41 -21.80 12.72
C GLY A 131 1.00 -22.32 12.74
N CYS A 132 0.89 -23.65 12.73
CA CYS A 132 -0.34 -24.37 12.45
C CYS A 132 -1.42 -24.37 13.52
N GLY A 133 -1.10 -23.87 14.72
CA GLY A 133 -2.05 -23.93 15.82
C GLY A 133 -2.43 -25.36 16.17
N GLN A 134 -3.72 -25.62 16.27
CA GLN A 134 -4.21 -26.99 16.45
C GLN A 134 -4.58 -27.62 15.11
N GLY A 135 -3.99 -27.11 14.04
CA GLY A 135 -4.07 -27.75 12.74
C GLY A 135 -5.39 -27.72 12.03
N ALA A 136 -6.24 -26.74 12.38
CA ALA A 136 -7.52 -26.55 11.70
C ALA A 136 -7.36 -26.59 10.18
N LEU A 137 -6.32 -25.90 9.69
CA LEU A 137 -6.05 -25.84 8.25
C LEU A 137 -5.37 -27.11 7.74
N THR A 138 -4.36 -27.59 8.47
CA THR A 138 -3.67 -28.82 8.11
C THR A 138 -4.64 -29.95 7.87
N LEU A 139 -5.47 -30.22 8.87
CA LEU A 139 -6.41 -31.34 8.81
C LEU A 139 -7.43 -31.17 7.69
N HIS A 140 -7.83 -29.92 7.46
CA HIS A 140 -8.86 -29.62 6.48
C HIS A 140 -8.34 -29.83 5.07
N VAL A 141 -7.16 -29.28 4.79
CA VAL A 141 -6.52 -29.47 3.49
C VAL A 141 -6.16 -30.94 3.30
N ALA A 142 -5.64 -31.57 4.36
CA ALA A 142 -5.28 -32.98 4.28
C ALA A 142 -6.49 -33.79 3.87
N GLN A 143 -7.64 -33.45 4.44
CA GLN A 143 -8.76 -34.35 4.34
C GLN A 143 -9.23 -34.56 2.93
N LYS A 144 -9.83 -33.57 2.29
CA LYS A 144 -10.22 -33.86 0.91
C LYS A 144 -9.36 -33.15 -0.14
N TYR A 145 -8.05 -33.22 0.08
CA TYR A 145 -7.09 -33.30 -1.01
C TYR A 145 -6.17 -34.48 -0.68
N LYS A 146 -6.67 -35.70 -0.86
CA LYS A 146 -5.99 -36.91 -0.39
C LYS A 146 -4.58 -37.08 -0.93
N ASN A 147 -4.28 -36.43 -2.05
CA ASN A 147 -2.98 -36.59 -2.68
C ASN A 147 -2.12 -35.36 -2.47
N CYS A 148 -2.52 -34.55 -1.50
CA CYS A 148 -1.65 -33.55 -0.92
C CYS A 148 -0.84 -34.21 0.20
N ARG A 149 0.25 -33.56 0.60
CA ARG A 149 1.07 -34.03 1.71
C ARG A 149 1.36 -32.82 2.59
N VAL A 150 0.42 -32.55 3.48
CA VAL A 150 0.49 -31.35 4.28
C VAL A 150 1.56 -31.49 5.33
N THR A 151 2.30 -30.42 5.55
CA THR A 151 3.31 -30.38 6.61
C THR A 151 3.07 -29.22 7.58
N ALA A 152 2.85 -29.54 8.85
CA ALA A 152 2.56 -28.51 9.84
C ALA A 152 3.81 -28.16 10.66
N VAL A 153 4.06 -26.87 10.90
CA VAL A 153 5.22 -26.51 11.72
C VAL A 153 4.86 -25.69 12.95
N THR A 154 5.28 -26.18 14.12
CA THR A 154 4.96 -25.55 15.39
C THR A 154 6.16 -25.57 16.34
N ASN A 155 6.25 -24.61 17.25
CA ASN A 155 7.22 -24.68 18.34
C ASN A 155 6.54 -25.04 19.65
N SER A 156 5.33 -25.57 19.54
CA SER A 156 4.46 -25.83 20.69
C SER A 156 4.21 -27.33 20.85
N VAL A 157 4.81 -27.93 21.88
CA VAL A 157 4.71 -29.36 22.14
C VAL A 157 3.27 -29.82 22.28
N SER A 158 2.39 -28.90 22.67
CA SER A 158 0.98 -29.19 22.83
C SER A 158 0.25 -29.23 21.48
N GLN A 159 0.76 -28.49 20.49
CA GLN A 159 0.12 -28.43 19.18
C GLN A 159 0.56 -29.59 18.26
N LYS A 160 1.82 -29.99 18.36
CA LYS A 160 2.28 -31.22 17.72
C LYS A 160 1.54 -32.43 18.28
N GLU A 161 1.24 -32.37 19.58
CA GLU A 161 0.40 -33.38 20.27
C GLU A 161 -0.86 -33.70 19.51
N TYR A 162 -1.72 -32.70 19.45
CA TYR A 162 -3.09 -32.87 19.06
C TYR A 162 -3.24 -33.26 17.61
N ILE A 163 -2.34 -32.77 16.76
CA ILE A 163 -2.54 -32.96 15.33
C ILE A 163 -2.25 -34.41 14.97
N GLU A 164 -1.07 -34.88 15.33
CA GLU A 164 -0.66 -36.24 14.99
C GLU A 164 -1.68 -37.27 15.47
N GLU A 165 -2.24 -37.05 16.65
CA GLU A 165 -3.23 -37.95 17.20
C GLU A 165 -4.55 -37.86 16.45
N GLU A 166 -5.03 -36.64 16.26
CA GLU A 166 -6.33 -36.43 15.61
C GLU A 166 -6.25 -36.60 14.10
N SER A 167 -5.06 -36.86 13.57
CA SER A 167 -4.89 -37.09 12.13
C SER A 167 -4.87 -38.58 11.77
N ARG A 168 -4.46 -39.42 12.72
CA ARG A 168 -4.57 -40.85 12.52
C ARG A 168 -5.97 -41.25 12.97
N ARG A 169 -6.53 -40.49 13.90
CA ARG A 169 -7.88 -40.72 14.38
C ARG A 169 -8.92 -40.47 13.29
N ARG A 170 -8.57 -39.63 12.30
CA ARG A 170 -9.46 -39.35 11.16
C ARG A 170 -8.96 -40.10 9.92
N ASN A 171 -8.01 -41.00 10.13
CA ASN A 171 -7.46 -41.86 9.08
C ASN A 171 -6.87 -41.05 7.94
N LEU A 172 -5.80 -40.32 8.24
CA LEU A 172 -5.15 -39.46 7.25
C LEU A 172 -3.67 -39.80 7.07
N LEU A 173 -3.31 -40.15 5.83
CA LEU A 173 -1.92 -40.29 5.44
C LEU A 173 -1.20 -38.95 5.60
N ASN A 174 -1.69 -37.98 4.83
CA ASN A 174 -0.93 -36.79 4.44
C ASN A 174 -0.20 -36.06 5.54
N VAL A 175 -0.82 -35.97 6.70
CA VAL A 175 -0.34 -35.05 7.72
C VAL A 175 1.00 -35.47 8.29
N GLU A 176 1.91 -34.52 8.29
CA GLU A 176 3.21 -34.65 8.94
C GLU A 176 3.43 -33.38 9.77
N VAL A 177 3.92 -33.51 11.00
CA VAL A 177 4.10 -32.34 11.86
C VAL A 177 5.51 -32.22 12.43
N LYS A 178 6.08 -31.02 12.32
CA LYS A 178 7.45 -30.76 12.76
C LYS A 178 7.50 -29.78 13.93
N LEU A 179 8.30 -30.07 14.96
CA LEU A 179 8.44 -29.13 16.07
C LEU A 179 9.70 -28.27 15.92
N ALA A 180 9.51 -26.98 15.63
CA ALA A 180 10.62 -26.07 15.32
C ALA A 180 10.33 -24.60 15.66
N ASP A 181 11.38 -23.88 16.04
CA ASP A 181 11.28 -22.42 16.15
C ASP A 181 11.49 -21.88 14.73
N ILE A 182 10.46 -21.26 14.17
CA ILE A 182 10.53 -20.79 12.80
C ILE A 182 11.55 -19.65 12.71
N THR A 183 11.76 -18.96 13.82
CA THR A 183 12.80 -17.92 13.93
C THR A 183 14.18 -18.45 13.55
N THR A 184 14.47 -19.69 13.92
CA THR A 184 15.79 -20.26 13.71
C THR A 184 15.79 -21.51 12.83
N HIS A 185 14.62 -21.97 12.40
CA HIS A 185 14.60 -23.22 11.68
C HIS A 185 15.11 -23.07 10.25
N GLU A 186 16.08 -23.91 9.90
CA GLU A 186 16.46 -24.07 8.52
C GLU A 186 16.02 -25.46 8.07
N MET A 187 15.70 -25.60 6.80
CA MET A 187 15.31 -26.89 6.25
C MET A 187 15.55 -26.87 4.75
N ALA A 188 16.01 -28.00 4.22
CA ALA A 188 16.38 -28.10 2.82
C ALA A 188 15.25 -28.66 1.98
N GLU A 189 14.06 -28.73 2.56
CA GLU A 189 12.89 -29.17 1.82
C GLU A 189 12.21 -27.98 1.14
N THR A 190 11.19 -28.26 0.33
CA THR A 190 10.63 -27.26 -0.57
C THR A 190 9.20 -27.61 -1.03
N TYR A 191 8.29 -26.63 -0.94
CA TYR A 191 6.83 -26.90 -0.99
C TYR A 191 6.05 -26.06 -2.03
N ASP A 192 5.00 -26.62 -2.62
CA ASP A 192 4.23 -25.92 -3.65
C ASP A 192 3.40 -24.79 -3.07
N ARG A 193 3.00 -24.95 -1.82
CA ARG A 193 2.19 -23.93 -1.20
C ARG A 193 2.50 -23.84 0.28
N ILE A 194 2.84 -22.61 0.67
CA ILE A 194 3.11 -22.30 2.05
C ILE A 194 2.01 -21.41 2.56
N LEU A 195 1.38 -21.84 3.62
CA LEU A 195 0.27 -21.12 4.22
C LEU A 195 0.70 -20.58 5.56
N VAL A 196 0.50 -19.28 5.76
CA VAL A 196 0.86 -18.63 7.01
C VAL A 196 -0.33 -17.86 7.58
N ILE A 197 -1.01 -18.44 8.56
CA ILE A 197 -2.20 -17.81 9.13
C ILE A 197 -1.93 -17.16 10.49
N GLU A 198 -1.72 -15.86 10.46
CA GLU A 198 -1.61 -15.03 11.67
C GLU A 198 -0.42 -15.46 12.51
N LEU A 199 0.76 -15.38 11.91
CA LEU A 199 2.00 -15.73 12.57
C LEU A 199 2.92 -14.52 12.69
N PHE A 200 2.93 -13.71 11.63
CA PHE A 200 3.82 -12.57 11.49
C PHE A 200 3.65 -11.52 12.56
N GLU A 201 2.43 -11.42 13.10
CA GLU A 201 2.13 -10.51 14.21
C GLU A 201 3.05 -10.70 15.43
N HIS A 202 3.67 -11.89 15.52
CA HIS A 202 4.60 -12.25 16.60
C HIS A 202 6.05 -12.07 16.20
N MET A 203 6.27 -11.79 14.92
CA MET A 203 7.61 -11.65 14.38
C MET A 203 7.98 -10.19 14.34
N LYS A 204 9.22 -9.90 13.92
CA LYS A 204 9.71 -8.54 13.85
C LYS A 204 10.30 -8.27 12.48
N ASN A 205 11.52 -8.75 12.26
CA ASN A 205 12.21 -8.53 11.00
C ASN A 205 11.65 -9.37 9.84
N TYR A 206 10.71 -8.77 9.12
CA TYR A 206 9.96 -9.45 8.06
C TYR A 206 10.79 -9.70 6.81
N GLU A 207 11.75 -8.82 6.56
CA GLU A 207 12.65 -9.04 5.43
C GLU A 207 13.44 -10.35 5.63
N LEU A 208 13.93 -10.60 6.85
CA LEU A 208 14.68 -11.84 7.12
C LEU A 208 13.76 -13.06 7.12
N LEU A 209 12.61 -12.95 7.76
CA LEU A 209 11.62 -14.02 7.77
C LEU A 209 11.14 -14.42 6.36
N LEU A 210 10.78 -13.42 5.54
CA LEU A 210 10.33 -13.69 4.18
C LEU A 210 11.46 -14.17 3.25
N ARG A 211 12.70 -13.72 3.49
CA ARG A 211 13.82 -14.28 2.77
C ARG A 211 13.89 -15.79 3.02
N LYS A 212 13.76 -16.18 4.29
CA LYS A 212 13.83 -17.59 4.67
C LYS A 212 12.70 -18.40 4.03
N ILE A 213 11.46 -17.93 4.19
CA ILE A 213 10.29 -18.64 3.69
C ILE A 213 10.30 -18.82 2.16
N SER A 214 10.83 -17.83 1.45
CA SER A 214 10.85 -17.89 -0.02
C SER A 214 11.77 -19.00 -0.49
N GLU A 215 12.80 -19.28 0.31
CA GLU A 215 13.75 -20.34 0.01
C GLU A 215 13.07 -21.71 0.11
N TRP A 216 11.94 -21.74 0.82
CA TRP A 216 11.14 -22.96 0.96
C TRP A 216 10.02 -23.08 -0.08
N ILE A 217 9.92 -22.10 -0.98
CA ILE A 217 8.91 -22.13 -2.04
C ILE A 217 9.45 -22.90 -3.25
N SER A 218 8.67 -23.83 -3.77
CA SER A 218 9.03 -24.55 -4.99
C SER A 218 8.95 -23.59 -6.16
N LYS A 219 9.55 -23.98 -7.27
CA LYS A 219 9.31 -23.28 -8.52
C LYS A 219 7.81 -23.25 -8.76
N ASP A 220 7.31 -22.07 -9.11
CA ASP A 220 5.89 -21.87 -9.37
C ASP A 220 5.03 -22.19 -8.15
N GLY A 221 5.64 -22.13 -6.98
CA GLY A 221 4.91 -22.29 -5.73
C GLY A 221 4.38 -20.94 -5.27
N LEU A 222 3.39 -20.97 -4.38
CA LEU A 222 2.82 -19.74 -3.84
C LEU A 222 2.96 -19.68 -2.33
N LEU A 223 2.94 -18.44 -1.83
CA LEU A 223 2.87 -18.14 -0.42
C LEU A 223 1.56 -17.42 -0.12
N PHE A 224 0.71 -18.01 0.71
CA PHE A 224 -0.52 -17.32 1.12
C PHE A 224 -0.44 -16.85 2.58
N LEU A 225 -0.72 -15.57 2.80
CA LEU A 225 -0.60 -14.97 4.13
C LEU A 225 -1.89 -14.31 4.64
N GLU A 226 -2.25 -14.60 5.89
CA GLU A 226 -3.28 -13.84 6.58
C GLU A 226 -2.69 -13.15 7.82
N HIS A 227 -2.96 -11.86 7.95
CA HIS A 227 -2.60 -11.15 9.16
C HIS A 227 -3.69 -10.17 9.51
N ILE A 228 -3.97 -10.00 10.78
CA ILE A 228 -4.91 -8.98 11.16
C ILE A 228 -4.18 -7.65 10.93
N CYS A 229 -4.91 -6.55 10.81
CA CYS A 229 -4.27 -5.27 10.53
C CYS A 229 -5.15 -4.10 10.97
N HIS A 230 -4.59 -2.89 10.93
CA HIS A 230 -5.44 -1.72 10.80
C HIS A 230 -5.35 -1.24 9.36
N LYS A 231 -6.44 -0.74 8.82
CA LYS A 231 -6.48 -0.47 7.37
C LYS A 231 -5.43 0.54 6.92
N THR A 232 -5.00 1.43 7.82
CA THR A 232 -4.10 2.51 7.41
C THR A 232 -2.73 2.55 8.10
N PHE A 233 -2.71 2.54 9.43
CA PHE A 233 -1.44 2.67 10.12
C PHE A 233 -0.94 1.35 10.68
N ALA A 234 0.31 1.35 11.14
CA ALA A 234 0.90 0.13 11.66
C ALA A 234 1.60 0.48 12.97
N TYR A 235 1.73 -0.51 13.86
CA TYR A 235 2.38 -0.22 15.14
C TYR A 235 2.73 -1.43 15.99
N HIS A 236 3.89 -1.31 16.67
CA HIS A 236 4.24 -2.21 17.77
C HIS A 236 3.09 -2.17 18.79
N TYR A 237 2.67 -3.32 19.31
CA TYR A 237 1.63 -3.27 20.35
C TYR A 237 2.32 -2.94 21.69
N GLU A 238 2.65 -1.65 21.84
CA GLU A 238 3.21 -1.06 23.06
C GLU A 238 2.30 0.07 23.55
N PRO A 239 2.17 0.27 24.87
CA PRO A 239 1.21 1.26 25.42
C PRO A 239 1.34 2.67 24.83
N LEU A 240 0.22 3.34 24.55
CA LEU A 240 0.22 4.73 24.10
C LEU A 240 0.93 5.59 25.12
N ASP A 241 0.36 5.54 26.33
CA ASP A 241 0.87 6.22 27.49
C ASP A 241 0.50 5.38 28.72
N ASP A 242 0.84 5.88 29.90
CA ASP A 242 0.59 5.16 31.15
C ASP A 242 -0.89 4.85 31.37
N ASP A 243 -1.78 5.70 30.88
CA ASP A 243 -3.21 5.49 31.02
C ASP A 243 -3.76 4.41 30.07
N ASP A 244 -2.91 3.93 29.16
CA ASP A 244 -3.27 2.83 28.25
C ASP A 244 -3.10 1.49 28.97
N TRP A 245 -4.23 0.96 29.46
CA TRP A 245 -4.25 -0.34 30.11
C TRP A 245 -4.57 -1.45 29.12
N PHE A 246 -5.15 -1.09 27.98
CA PHE A 246 -5.68 -2.07 27.03
C PHE A 246 -4.58 -2.79 26.21
N THR A 247 -3.53 -2.07 25.87
CA THR A 247 -2.55 -2.62 24.94
C THR A 247 -1.88 -3.87 25.51
N GLU A 248 -1.60 -3.89 26.81
CA GLU A 248 -0.99 -5.06 27.42
C GLU A 248 -1.93 -5.96 28.22
N TYR A 249 -3.21 -5.61 28.22
CA TYR A 249 -4.26 -6.41 28.88
C TYR A 249 -4.22 -7.89 28.48
N VAL A 250 -4.07 -8.18 27.19
CA VAL A 250 -4.23 -9.55 26.69
C VAL A 250 -2.91 -10.23 26.29
N PHE A 251 -2.11 -9.55 25.47
CA PHE A 251 -0.84 -10.08 24.98
C PHE A 251 0.33 -9.51 25.78
N PRO A 252 1.28 -10.39 26.17
CA PRO A 252 2.48 -9.93 26.87
C PRO A 252 3.26 -8.84 26.10
N ALA A 253 3.95 -7.97 26.83
CA ALA A 253 4.64 -6.86 26.21
C ALA A 253 5.66 -7.31 25.17
N GLY A 254 5.74 -6.55 24.08
CA GLY A 254 6.66 -6.84 23.00
C GLY A 254 6.49 -8.15 22.25
N THR A 255 5.27 -8.71 22.24
CA THR A 255 5.04 -9.94 21.49
C THR A 255 4.12 -9.75 20.29
N MET A 256 3.62 -8.54 20.09
CA MET A 256 2.62 -8.27 19.06
C MET A 256 2.91 -7.03 18.24
N ILE A 257 2.69 -7.14 16.94
CA ILE A 257 2.71 -6.01 16.01
C ILE A 257 1.37 -5.94 15.27
N ILE A 258 0.83 -4.72 15.12
CA ILE A 258 -0.34 -4.54 14.26
C ILE A 258 0.09 -3.89 12.95
N PRO A 259 0.17 -4.69 11.88
CA PRO A 259 0.57 -4.10 10.59
C PRO A 259 -0.56 -3.28 9.94
N SER A 260 -0.20 -2.36 9.06
CA SER A 260 -1.17 -1.79 8.12
C SER A 260 -1.61 -2.87 7.17
N ALA A 261 -2.76 -2.67 6.55
CA ALA A 261 -3.20 -3.59 5.51
C ALA A 261 -2.19 -3.63 4.36
N SER A 262 -1.46 -2.52 4.16
CA SER A 262 -0.47 -2.39 3.08
C SER A 262 0.93 -2.91 3.40
N PHE A 263 1.10 -3.50 4.58
CA PHE A 263 2.44 -3.56 5.20
C PHE A 263 3.43 -4.44 4.44
N PHE A 264 3.00 -5.62 4.04
CA PHE A 264 3.92 -6.56 3.45
C PHE A 264 4.12 -6.29 1.98
N LEU A 265 3.38 -5.31 1.45
CA LEU A 265 3.66 -4.77 0.14
C LEU A 265 5.07 -4.17 0.15
N TYR A 266 5.59 -3.92 1.35
CA TYR A 266 6.87 -3.23 1.48
C TYR A 266 7.99 -4.20 1.76
N PHE A 267 7.66 -5.49 1.72
CA PHE A 267 8.61 -6.56 2.00
C PHE A 267 8.59 -7.57 0.85
N GLN A 268 9.09 -7.11 -0.30
CA GLN A 268 8.97 -7.86 -1.54
C GLN A 268 10.32 -8.03 -2.21
N ASP A 269 11.37 -8.12 -1.39
CA ASP A 269 12.72 -8.37 -1.87
C ASP A 269 12.90 -9.78 -2.43
N ASP A 270 12.12 -10.76 -1.97
CA ASP A 270 12.33 -12.15 -2.35
C ASP A 270 11.03 -12.87 -2.66
N VAL A 271 9.93 -12.15 -2.55
CA VAL A 271 8.62 -12.63 -2.95
C VAL A 271 7.93 -11.51 -3.72
N SER A 272 6.83 -11.83 -4.40
CA SER A 272 6.17 -10.85 -5.23
C SER A 272 4.65 -10.94 -5.13
N VAL A 273 4.00 -9.85 -4.72
CA VAL A 273 2.56 -9.90 -4.50
C VAL A 273 1.83 -10.18 -5.81
N VAL A 274 0.93 -11.13 -5.74
CA VAL A 274 0.10 -11.51 -6.88
C VAL A 274 -1.33 -11.03 -6.71
N ASN A 275 -1.84 -11.16 -5.48
CA ASN A 275 -3.15 -10.65 -5.15
C ASN A 275 -3.17 -10.13 -3.74
N HIS A 276 -4.22 -9.40 -3.42
CA HIS A 276 -4.34 -8.76 -2.13
C HIS A 276 -5.81 -8.51 -1.87
N TRP A 277 -6.31 -9.06 -0.78
CA TRP A 277 -7.67 -8.82 -0.37
C TRP A 277 -7.60 -8.27 1.04
N THR A 278 -8.63 -7.53 1.46
CA THR A 278 -8.90 -7.43 2.88
C THR A 278 -10.29 -7.98 3.13
N LEU A 279 -10.70 -7.90 4.39
CA LEU A 279 -11.86 -8.61 4.90
C LEU A 279 -12.35 -7.87 6.16
N SER A 280 -13.65 -7.57 6.24
CA SER A 280 -14.16 -6.74 7.35
C SER A 280 -13.83 -7.26 8.75
N GLY A 281 -13.49 -6.34 9.63
CA GLY A 281 -13.28 -6.68 11.05
C GLY A 281 -14.47 -7.30 11.77
N LYS A 282 -15.62 -7.33 11.10
CA LYS A 282 -16.83 -7.92 11.68
C LYS A 282 -16.71 -9.44 11.80
N HIS A 283 -15.89 -10.03 10.95
CA HIS A 283 -15.66 -11.47 11.01
C HIS A 283 -14.85 -11.87 12.24
N PHE A 284 -13.77 -11.16 12.51
CA PHE A 284 -13.02 -11.54 13.70
C PHE A 284 -13.75 -11.06 14.94
N SER A 285 -14.54 -10.00 14.80
CA SER A 285 -15.32 -9.55 15.94
C SER A 285 -16.30 -10.64 16.31
N ARG A 286 -16.97 -11.20 15.31
CA ARG A 286 -18.02 -12.18 15.58
C ARG A 286 -17.40 -13.48 16.08
N THR A 287 -16.23 -13.80 15.55
CA THR A 287 -15.47 -14.97 15.97
C THR A 287 -15.19 -14.95 17.48
N ASN A 288 -14.60 -13.86 17.96
CA ASN A 288 -14.29 -13.68 19.36
C ASN A 288 -15.54 -13.70 20.22
N GLU A 289 -16.64 -13.24 19.62
CA GLU A 289 -17.94 -13.19 20.31
C GLU A 289 -18.52 -14.59 20.49
N GLU A 290 -18.26 -15.47 19.52
CA GLU A 290 -18.81 -16.80 19.60
C GLU A 290 -18.01 -17.62 20.61
N TRP A 291 -16.72 -17.31 20.70
CA TRP A 291 -15.83 -17.90 21.67
C TRP A 291 -16.26 -17.54 23.09
N LEU A 292 -16.55 -16.26 23.28
CA LEU A 292 -16.98 -15.75 24.59
C LEU A 292 -18.30 -16.41 25.04
N LYS A 293 -19.28 -16.51 24.14
CA LYS A 293 -20.53 -17.23 24.46
C LYS A 293 -20.23 -18.64 24.93
N ARG A 294 -19.23 -19.27 24.33
CA ARG A 294 -18.91 -20.65 24.64
C ARG A 294 -18.26 -20.79 26.00
N LEU A 295 -17.48 -19.80 26.41
CA LEU A 295 -16.93 -19.78 27.75
C LEU A 295 -18.07 -19.80 28.78
N ASP A 296 -18.77 -18.67 28.89
CA ASP A 296 -19.88 -18.48 29.85
C ASP A 296 -20.92 -19.60 29.93
N ALA A 297 -21.10 -20.32 28.84
CA ALA A 297 -22.09 -21.39 28.79
C ALA A 297 -21.52 -22.70 29.35
N ASN A 298 -20.20 -22.78 29.47
CA ASN A 298 -19.57 -23.99 29.98
C ASN A 298 -18.66 -23.70 31.14
N LEU A 299 -19.04 -22.73 31.96
CA LEU A 299 -18.29 -22.42 33.17
C LEU A 299 -18.33 -23.60 34.12
N ASP A 300 -19.39 -24.41 34.02
CA ASP A 300 -19.53 -25.56 34.89
C ASP A 300 -18.42 -26.61 34.67
N VAL A 301 -17.87 -26.69 33.46
CA VAL A 301 -16.79 -27.64 33.13
C VAL A 301 -15.42 -26.95 33.03
N ILE A 302 -15.43 -25.65 32.74
CA ILE A 302 -14.19 -24.89 32.64
C ILE A 302 -13.61 -24.58 34.03
N LYS A 303 -14.48 -24.27 34.99
CA LYS A 303 -14.04 -23.93 36.35
C LYS A 303 -13.25 -25.09 37.01
N PRO A 304 -13.81 -26.32 37.02
CA PRO A 304 -12.97 -27.40 37.57
C PRO A 304 -11.71 -27.67 36.76
N MET A 305 -11.77 -27.43 35.46
CA MET A 305 -10.61 -27.65 34.62
C MET A 305 -9.47 -26.68 34.96
N PHE A 306 -9.84 -25.43 35.26
CA PHE A 306 -8.86 -24.38 35.56
C PHE A 306 -8.35 -24.52 37.00
N GLU A 307 -9.21 -25.00 37.89
CA GLU A 307 -8.79 -25.34 39.24
C GLU A 307 -7.74 -26.46 39.19
N THR A 308 -8.01 -27.51 38.40
CA THR A 308 -7.10 -28.65 38.31
C THR A 308 -5.75 -28.27 37.71
N LEU A 309 -5.77 -27.36 36.75
CA LEU A 309 -4.58 -26.93 36.04
C LEU A 309 -3.77 -25.93 36.85
N MET A 310 -4.47 -24.98 37.48
CA MET A 310 -3.86 -24.10 38.47
C MET A 310 -3.85 -24.89 39.76
N GLY A 311 -3.70 -24.25 40.91
CA GLY A 311 -3.73 -25.01 42.14
C GLY A 311 -4.75 -24.52 43.16
N ASN A 312 -5.45 -23.44 42.80
CA ASN A 312 -6.29 -22.70 43.73
C ASN A 312 -7.35 -21.94 42.94
N GLU A 313 -8.48 -21.67 43.57
CA GLU A 313 -9.59 -21.00 42.87
C GLU A 313 -9.24 -19.59 42.44
N GLU A 314 -8.49 -18.87 43.26
CA GLU A 314 -8.06 -17.49 42.94
C GLU A 314 -7.46 -17.35 41.54
N GLU A 315 -6.65 -18.33 41.14
CA GLU A 315 -5.93 -18.24 39.88
C GLU A 315 -6.80 -18.81 38.77
N ALA A 316 -7.74 -19.66 39.15
CA ALA A 316 -8.68 -20.22 38.20
C ALA A 316 -9.63 -19.11 37.76
N VAL A 317 -10.06 -18.32 38.73
CA VAL A 317 -10.80 -17.10 38.44
C VAL A 317 -10.02 -16.14 37.53
N LYS A 318 -8.79 -15.83 37.90
CA LYS A 318 -8.00 -14.90 37.08
C LYS A 318 -7.87 -15.42 35.65
N LEU A 319 -7.76 -16.74 35.52
CA LEU A 319 -7.50 -17.33 34.21
C LEU A 319 -8.73 -17.28 33.31
N ILE A 320 -9.90 -17.55 33.87
CA ILE A 320 -11.12 -17.51 33.06
C ILE A 320 -11.41 -16.05 32.63
N ASN A 321 -11.13 -15.08 33.49
CA ASN A 321 -11.35 -13.70 33.13
C ASN A 321 -10.26 -13.20 32.19
N TYR A 322 -9.15 -13.93 32.15
CA TYR A 322 -8.13 -13.64 31.17
C TYR A 322 -8.72 -13.91 29.79
N TRP A 323 -9.32 -15.10 29.66
CA TRP A 323 -9.83 -15.51 28.38
C TRP A 323 -11.04 -14.66 27.97
N ARG A 324 -11.83 -14.22 28.95
CA ARG A 324 -12.92 -13.27 28.68
C ARG A 324 -12.38 -11.98 28.08
N GLY A 325 -11.39 -11.37 28.73
CA GLY A 325 -10.73 -10.19 28.18
C GLY A 325 -10.04 -10.42 26.83
N PHE A 326 -9.65 -11.65 26.56
CA PHE A 326 -9.10 -12.00 25.26
C PHE A 326 -10.13 -11.72 24.19
N CYS A 327 -11.28 -12.36 24.38
CA CYS A 327 -12.40 -12.32 23.47
C CYS A 327 -13.10 -10.95 23.44
N LEU A 328 -13.14 -10.27 24.57
CA LEU A 328 -13.75 -8.94 24.63
C LEU A 328 -12.88 -7.95 23.88
N SER A 329 -11.56 -8.03 24.11
CA SER A 329 -10.61 -7.25 23.33
C SER A 329 -10.83 -7.50 21.82
N GLY A 330 -10.91 -8.77 21.44
CA GLY A 330 -11.17 -9.12 20.05
C GLY A 330 -12.48 -8.57 19.52
N MET A 331 -13.55 -8.74 20.29
CA MET A 331 -14.86 -8.23 19.87
C MET A 331 -14.87 -6.73 19.58
N GLU A 332 -14.41 -5.94 20.53
CA GLU A 332 -14.55 -4.51 20.42
C GLU A 332 -13.53 -3.92 19.45
N MET A 333 -12.34 -4.50 19.39
CA MET A 333 -11.29 -3.93 18.58
C MET A 333 -11.63 -4.11 17.10
N PHE A 334 -11.92 -5.34 16.71
CA PHE A 334 -12.22 -5.64 15.33
C PHE A 334 -13.61 -5.22 14.90
N GLY A 335 -14.57 -5.17 15.82
CA GLY A 335 -15.91 -4.72 15.47
C GLY A 335 -16.04 -3.21 15.49
N TYR A 336 -15.00 -2.51 15.93
CA TYR A 336 -15.03 -1.04 16.02
C TYR A 336 -15.44 -0.40 14.70
N ASN A 337 -16.23 0.68 14.79
CA ASN A 337 -16.76 1.39 13.60
C ASN A 337 -17.24 0.49 12.50
N ASN A 338 -18.12 -0.46 12.84
CA ASN A 338 -18.66 -1.42 11.89
C ASN A 338 -17.59 -2.25 11.18
N GLY A 339 -16.43 -2.44 11.81
CA GLY A 339 -15.41 -3.34 11.27
C GLY A 339 -14.51 -2.78 10.18
N GLU A 340 -14.51 -1.45 10.03
CA GLU A 340 -13.81 -0.75 8.98
C GLU A 340 -12.60 -0.01 9.53
N GLU A 341 -12.08 -0.48 10.66
CA GLU A 341 -10.84 0.06 11.22
C GLU A 341 -9.78 -1.06 11.32
N TRP A 342 -9.95 -1.92 12.32
CA TRP A 342 -9.08 -3.08 12.48
C TRP A 342 -9.74 -4.24 11.77
N MET A 343 -8.93 -5.02 11.04
CA MET A 343 -9.47 -6.03 10.15
C MET A 343 -8.43 -7.06 9.74
N ALA A 344 -8.79 -7.86 8.75
CA ALA A 344 -7.94 -8.92 8.24
C ALA A 344 -7.50 -8.70 6.79
N SER A 345 -6.23 -8.95 6.55
CA SER A 345 -5.60 -8.81 5.23
C SER A 345 -5.11 -10.15 4.69
N HIS A 346 -5.46 -10.44 3.44
CA HIS A 346 -4.93 -11.61 2.73
C HIS A 346 -3.99 -11.23 1.58
N VAL A 347 -2.76 -11.75 1.62
CA VAL A 347 -1.80 -11.52 0.56
C VAL A 347 -1.34 -12.81 -0.10
N LEU A 348 -1.38 -12.84 -1.44
CA LEU A 348 -0.86 -13.98 -2.19
C LEU A 348 0.46 -13.58 -2.84
N PHE A 349 1.51 -14.34 -2.55
CA PHE A 349 2.85 -14.08 -3.09
C PHE A 349 3.30 -15.21 -4.01
N LYS A 350 4.07 -14.86 -5.04
CA LYS A 350 4.88 -15.84 -5.79
C LYS A 350 6.37 -15.59 -5.53
N LYS A 351 7.23 -16.51 -5.96
CA LYS A 351 8.65 -16.45 -5.59
C LYS A 351 9.41 -15.31 -6.25
N ALA B 5 -24.40 16.99 -24.56
CA ALA B 5 -25.44 17.82 -25.16
C ALA B 5 -25.46 19.23 -24.56
N ALA B 6 -25.85 19.34 -23.29
CA ALA B 6 -25.81 20.63 -22.59
C ALA B 6 -24.40 20.93 -22.12
N ILE B 7 -23.51 19.96 -22.26
CA ILE B 7 -22.11 20.14 -21.96
C ILE B 7 -21.38 20.63 -23.20
N VAL B 8 -21.98 20.34 -24.35
CA VAL B 8 -21.44 20.82 -25.61
C VAL B 8 -21.39 22.35 -25.61
N GLU B 9 -22.32 23.01 -24.92
CA GLU B 9 -22.29 24.47 -24.94
C GLU B 9 -21.38 25.02 -23.86
N LEU B 10 -21.15 24.25 -22.82
CA LEU B 10 -20.17 24.65 -21.81
C LEU B 10 -18.75 24.62 -22.37
N LEU B 11 -18.43 23.53 -23.07
CA LEU B 11 -17.11 23.38 -23.71
C LEU B 11 -16.84 24.53 -24.66
N LYS B 12 -17.90 24.97 -25.34
CA LYS B 12 -17.84 26.06 -26.30
C LYS B 12 -17.64 27.39 -25.65
N GLN B 13 -18.31 27.60 -24.52
CA GLN B 13 -18.09 28.81 -23.76
C GLN B 13 -16.66 28.87 -23.23
N LEU B 14 -16.16 27.72 -22.77
CA LEU B 14 -14.81 27.64 -22.23
C LEU B 14 -13.77 27.91 -23.31
N GLU B 15 -13.97 27.31 -24.49
CA GLU B 15 -13.19 27.64 -25.69
C GLU B 15 -13.05 29.13 -25.89
N LEU B 16 -14.20 29.82 -25.93
CA LEU B 16 -14.25 31.25 -26.24
C LEU B 16 -13.90 32.16 -25.05
N GLY B 17 -13.50 31.53 -23.94
CA GLY B 17 -13.10 32.26 -22.74
C GLY B 17 -14.16 33.15 -22.11
N LEU B 18 -15.43 32.74 -22.23
CA LEU B 18 -16.57 33.51 -21.72
C LEU B 18 -16.76 33.32 -20.22
N VAL B 19 -16.42 32.14 -19.74
CA VAL B 19 -16.57 31.80 -18.34
C VAL B 19 -15.39 32.30 -17.53
N PRO B 20 -15.66 33.14 -16.51
CA PRO B 20 -14.60 33.69 -15.66
C PRO B 20 -14.06 32.66 -14.68
N TYR B 21 -12.84 32.89 -14.18
CA TYR B 21 -12.10 31.90 -13.39
C TYR B 21 -12.87 31.35 -12.19
N ASP B 22 -13.48 32.23 -11.39
CA ASP B 22 -14.24 31.79 -10.21
C ASP B 22 -15.29 30.77 -10.60
N ASP B 23 -16.00 31.06 -11.68
CA ASP B 23 -17.03 30.16 -12.17
C ASP B 23 -16.41 28.84 -12.62
N ILE B 24 -15.27 28.91 -13.32
CA ILE B 24 -14.62 27.72 -13.85
C ILE B 24 -14.21 26.80 -12.71
N LYS B 25 -13.51 27.37 -11.74
CA LYS B 25 -13.02 26.61 -10.60
C LYS B 25 -14.16 25.86 -9.90
N GLN B 26 -15.28 26.55 -9.67
CA GLN B 26 -16.36 25.93 -8.93
C GLN B 26 -16.96 24.75 -9.72
N LEU B 27 -17.07 24.91 -11.03
CA LEU B 27 -17.60 23.87 -11.91
C LEU B 27 -16.69 22.64 -11.93
N ILE B 28 -15.41 22.91 -11.73
CA ILE B 28 -14.38 21.87 -11.68
C ILE B 28 -14.49 21.09 -10.37
N ARG B 29 -14.54 21.81 -9.24
CA ARG B 29 -14.77 21.19 -7.94
C ARG B 29 -16.01 20.30 -7.93
N ARG B 30 -17.08 20.74 -8.56
CA ARG B 30 -18.27 19.89 -8.72
C ARG B 30 -17.88 18.57 -9.39
N GLU B 31 -16.98 18.65 -10.34
CA GLU B 31 -16.62 17.46 -11.08
C GLU B 31 -15.71 16.56 -10.24
N LEU B 32 -14.78 17.19 -9.51
CA LEU B 32 -13.89 16.49 -8.60
C LEU B 32 -14.68 15.79 -7.50
N ALA B 33 -15.57 16.53 -6.83
CA ALA B 33 -16.42 15.95 -5.81
C ALA B 33 -17.16 14.72 -6.33
N ARG B 34 -17.55 14.75 -7.61
CA ARG B 34 -18.21 13.59 -8.19
C ARG B 34 -17.21 12.47 -8.43
N ARG B 35 -15.96 12.82 -8.68
CA ARG B 35 -14.96 11.78 -8.92
C ARG B 35 -14.64 11.06 -7.59
N LEU B 36 -14.56 11.82 -6.49
CA LEU B 36 -14.32 11.23 -5.17
C LEU B 36 -15.45 10.29 -4.75
N GLN B 37 -16.70 10.72 -4.98
CA GLN B 37 -17.87 9.86 -4.72
C GLN B 37 -17.74 8.55 -5.47
N TRP B 38 -17.25 8.63 -6.70
CA TRP B 38 -17.12 7.49 -7.58
C TRP B 38 -16.00 6.58 -7.08
N GLY B 39 -14.89 7.19 -6.68
CA GLY B 39 -13.67 6.48 -6.39
C GLY B 39 -13.63 5.84 -5.01
N TYR B 40 -14.15 6.53 -4.02
CA TYR B 40 -14.28 6.01 -2.66
C TYR B 40 -15.36 4.93 -2.54
N LYS B 41 -15.04 3.84 -1.85
CA LYS B 41 -15.96 2.72 -1.63
C LYS B 41 -16.37 2.63 -0.14
N PRO B 42 -17.59 2.12 0.13
CA PRO B 42 -18.13 1.95 1.48
C PRO B 42 -17.32 0.98 2.34
N THR B 43 -16.80 -0.09 1.75
CA THR B 43 -16.00 -1.02 2.50
C THR B 43 -14.56 -1.08 1.99
N TYR B 44 -13.63 -1.30 2.91
CA TYR B 44 -12.22 -1.34 2.53
C TYR B 44 -11.90 -2.56 1.69
N GLU B 45 -12.66 -3.62 1.86
CA GLU B 45 -12.53 -4.78 1.00
C GLU B 45 -12.72 -4.38 -0.47
N GLU B 46 -13.85 -3.74 -0.79
CA GLU B 46 -14.10 -3.22 -2.16
C GLU B 46 -13.02 -2.26 -2.67
N GLN B 47 -12.62 -1.32 -1.81
CA GLN B 47 -11.61 -0.33 -2.15
C GLN B 47 -10.36 -1.03 -2.64
N ILE B 48 -9.95 -2.06 -1.90
CA ILE B 48 -8.76 -2.83 -2.26
C ILE B 48 -8.98 -3.64 -3.53
N ALA B 49 -10.21 -4.08 -3.76
CA ALA B 49 -10.48 -4.93 -4.92
C ALA B 49 -10.43 -4.12 -6.23
N GLU B 50 -10.68 -2.82 -6.10
CA GLU B 50 -10.74 -1.91 -7.23
C GLU B 50 -9.33 -1.62 -7.69
N ILE B 51 -8.41 -1.59 -6.72
CA ILE B 51 -6.99 -1.51 -7.06
C ILE B 51 -6.49 -2.82 -7.66
N GLN B 52 -7.01 -3.93 -7.16
CA GLN B 52 -6.61 -5.25 -7.65
C GLN B 52 -7.13 -5.51 -9.08
N ASN B 53 -8.30 -4.97 -9.39
CA ASN B 53 -8.87 -5.08 -10.73
C ASN B 53 -8.09 -4.29 -11.75
N LEU B 54 -7.67 -3.09 -11.38
CA LEU B 54 -6.97 -2.23 -12.30
C LEU B 54 -5.55 -2.77 -12.50
N THR B 55 -4.90 -3.26 -11.44
CA THR B 55 -3.56 -3.81 -11.58
C THR B 55 -3.60 -5.01 -12.52
N HIS B 56 -4.53 -5.93 -12.28
CA HIS B 56 -4.58 -7.16 -13.07
C HIS B 56 -4.93 -6.89 -14.53
N SER B 57 -5.81 -5.90 -14.74
CA SER B 57 -6.26 -5.47 -16.06
C SER B 57 -5.10 -4.91 -16.89
N LEU B 58 -4.31 -4.00 -16.31
CA LEU B 58 -3.17 -3.41 -17.01
C LEU B 58 -2.12 -4.43 -17.42
N ARG B 59 -2.13 -5.59 -16.75
CA ARG B 59 -1.11 -6.62 -16.94
C ARG B 59 -1.32 -7.41 -18.24
N GLN B 60 -2.52 -7.26 -18.82
CA GLN B 60 -2.83 -7.81 -20.13
C GLN B 60 -2.87 -6.73 -21.21
N MET B 61 -2.19 -5.62 -20.99
CA MET B 61 -2.11 -4.58 -22.02
C MET B 61 -0.67 -4.41 -22.51
N LYS B 62 -0.50 -3.61 -23.56
CA LYS B 62 0.81 -3.29 -24.12
C LYS B 62 1.43 -2.19 -23.24
N ILE B 63 2.74 -1.96 -23.36
CA ILE B 63 3.42 -1.02 -22.49
C ILE B 63 2.75 0.35 -22.50
N ALA B 64 2.34 0.79 -23.68
CA ALA B 64 1.52 2.01 -23.80
C ALA B 64 0.80 2.03 -25.13
N THR B 65 -0.50 2.30 -25.08
CA THR B 65 -1.26 2.42 -26.33
C THR B 65 -1.34 3.86 -26.79
N GLU B 66 -1.25 4.04 -28.10
CA GLU B 66 -1.29 5.36 -28.76
C GLU B 66 -0.22 6.27 -28.19
N VAL B 67 1.02 6.05 -28.65
CA VAL B 67 2.20 6.56 -27.95
C VAL B 67 2.64 7.98 -28.36
N GLU B 68 2.48 8.35 -29.63
CA GLU B 68 2.96 9.65 -30.06
C GLU B 68 1.93 10.50 -30.79
N THR B 69 0.68 10.08 -30.70
CA THR B 69 -0.41 11.02 -30.91
C THR B 69 -0.53 11.86 -29.63
N LEU B 70 -0.08 11.29 -28.51
CA LEU B 70 0.10 12.01 -27.26
C LEU B 70 1.20 13.05 -27.37
N ASP B 71 2.28 12.68 -28.05
CA ASP B 71 3.45 13.55 -28.18
C ASP B 71 3.41 14.54 -29.36
N SER B 72 2.25 14.75 -29.98
CA SER B 72 2.15 15.78 -31.03
C SER B 72 1.03 16.76 -30.68
N GLN B 73 0.11 16.33 -29.83
CA GLN B 73 -0.90 17.25 -29.28
C GLN B 73 -0.29 18.03 -28.11
N LEU B 74 0.37 17.31 -27.21
CA LEU B 74 1.21 17.93 -26.20
C LEU B 74 2.67 17.58 -26.51
N TYR B 75 3.62 18.14 -25.75
CA TYR B 75 5.05 17.78 -25.83
C TYR B 75 5.81 18.24 -27.09
N GLU B 76 5.12 18.33 -28.23
CA GLU B 76 5.69 19.07 -29.36
C GLU B 76 5.19 20.50 -29.23
N ILE B 77 5.60 21.14 -28.14
CA ILE B 77 5.18 22.49 -27.83
C ILE B 77 6.31 23.43 -28.19
N PRO B 78 5.99 24.61 -28.73
CA PRO B 78 7.06 25.59 -28.97
C PRO B 78 7.88 25.86 -27.73
N ILE B 79 9.20 25.91 -27.88
CA ILE B 79 10.06 26.23 -26.76
C ILE B 79 9.73 27.62 -26.25
N GLU B 80 9.47 28.52 -27.20
CA GLU B 80 9.24 29.93 -26.89
C GLU B 80 8.00 30.14 -26.03
N PHE B 81 7.04 29.23 -26.15
CA PHE B 81 5.85 29.31 -25.32
C PHE B 81 6.12 28.79 -23.91
N LEU B 82 6.80 27.65 -23.83
CA LEU B 82 7.14 27.02 -22.55
C LEU B 82 8.06 27.90 -21.70
N LYS B 83 8.86 28.73 -22.38
CA LYS B 83 9.74 29.68 -21.69
C LYS B 83 8.93 30.79 -21.05
N ILE B 84 7.71 31.01 -21.56
CA ILE B 84 6.84 32.01 -20.97
C ILE B 84 6.11 31.44 -19.78
N MET B 85 5.46 30.29 -19.99
CA MET B 85 4.62 29.68 -18.98
C MET B 85 5.43 29.05 -17.83
N ASN B 86 6.36 28.14 -18.18
CA ASN B 86 7.18 27.46 -17.20
C ASN B 86 8.25 28.39 -16.62
N GLY B 87 8.88 27.95 -15.54
CA GLY B 87 10.01 28.65 -14.97
C GLY B 87 11.25 28.53 -15.84
N SER B 88 12.35 29.12 -15.40
CA SER B 88 13.61 29.08 -16.12
C SER B 88 14.10 27.66 -16.41
N ASN B 89 13.83 26.74 -15.50
CA ASN B 89 14.28 25.37 -15.65
C ASN B 89 13.40 24.54 -16.57
N LEU B 90 12.27 25.12 -16.99
CA LEU B 90 11.34 24.48 -17.91
C LEU B 90 10.92 23.12 -17.38
N LYS B 91 10.65 23.08 -16.08
CA LYS B 91 10.12 21.87 -15.46
C LYS B 91 8.65 21.70 -15.81
N GLY B 92 8.34 20.67 -16.59
CA GLY B 92 6.98 20.37 -16.98
C GLY B 92 6.27 19.41 -16.03
N SER B 93 6.49 19.61 -14.74
CA SER B 93 6.00 18.68 -13.71
C SER B 93 5.93 19.36 -12.35
N CYS B 94 5.51 18.62 -11.33
CA CYS B 94 5.33 19.20 -10.01
C CYS B 94 6.60 19.89 -9.51
N CYS B 95 6.44 21.09 -8.96
CA CYS B 95 7.54 21.76 -8.29
C CYS B 95 7.27 21.76 -6.81
N TYR B 96 8.26 22.16 -6.02
CA TYR B 96 8.16 22.01 -4.57
C TYR B 96 8.27 23.35 -3.86
N PHE B 97 7.16 23.74 -3.25
CA PHE B 97 7.07 25.04 -2.59
C PHE B 97 7.17 24.91 -1.07
N LYS B 98 8.39 25.01 -0.55
CA LYS B 98 8.58 25.14 0.89
C LYS B 98 8.61 26.64 1.18
N GLU B 99 7.71 27.06 2.09
CA GLU B 99 7.38 28.47 2.40
C GLU B 99 6.37 29.00 1.36
N ASP B 100 5.91 30.22 1.58
CA ASP B 100 4.97 30.88 0.66
C ASP B 100 5.70 32.01 -0.07
N SER B 101 6.95 32.25 0.36
CA SER B 101 7.83 33.17 -0.33
C SER B 101 8.33 32.53 -1.62
N THR B 102 8.25 31.20 -1.65
CA THR B 102 8.84 30.40 -2.71
C THR B 102 8.26 30.70 -4.08
N THR B 103 9.10 31.30 -4.92
CA THR B 103 8.75 31.58 -6.31
C THR B 103 8.74 30.28 -7.08
N LEU B 104 8.22 30.34 -8.31
CA LEU B 104 8.20 29.20 -9.21
C LEU B 104 9.60 28.69 -9.45
N ASP B 105 10.53 29.60 -9.69
CA ASP B 105 11.91 29.24 -10.07
C ASP B 105 12.63 28.47 -8.96
N GLU B 106 12.49 28.94 -7.72
CA GLU B 106 13.04 28.24 -6.56
C GLU B 106 12.36 26.89 -6.41
N ALA B 107 11.05 26.90 -6.62
CA ALA B 107 10.25 25.70 -6.44
C ALA B 107 10.71 24.61 -7.37
N GLU B 108 11.13 25.03 -8.56
CA GLU B 108 11.73 24.13 -9.55
C GLU B 108 13.02 23.56 -9.00
N ILE B 109 13.87 24.42 -8.47
CA ILE B 109 15.16 23.99 -7.99
C ILE B 109 14.99 23.06 -6.80
N ALA B 110 14.14 23.46 -5.87
CA ALA B 110 13.85 22.67 -4.66
C ALA B 110 13.46 21.23 -4.97
N MET B 111 12.57 21.05 -5.94
CA MET B 111 12.12 19.73 -6.36
C MET B 111 13.24 18.94 -7.00
N LEU B 112 14.09 19.62 -7.77
CA LEU B 112 15.18 18.95 -8.47
C LEU B 112 16.28 18.51 -7.51
N ASP B 113 16.59 19.34 -6.53
CA ASP B 113 17.54 18.97 -5.49
C ASP B 113 17.04 17.74 -4.72
N LEU B 114 15.74 17.75 -4.38
CA LEU B 114 15.11 16.68 -3.61
C LEU B 114 15.19 15.37 -4.35
N TYR B 115 15.17 15.44 -5.68
CA TYR B 115 15.28 14.26 -6.51
C TYR B 115 16.66 13.69 -6.34
N CYS B 116 17.67 14.55 -6.48
CA CYS B 116 19.06 14.15 -6.35
C CYS B 116 19.35 13.57 -4.95
N GLU B 117 18.71 14.17 -3.96
CA GLU B 117 18.77 13.72 -2.58
C GLU B 117 18.17 12.33 -2.45
N ARG B 118 16.95 12.17 -2.97
CA ARG B 118 16.17 10.96 -2.73
C ARG B 118 16.53 9.83 -3.69
N ALA B 119 17.15 10.17 -4.82
CA ALA B 119 17.70 9.17 -5.72
C ALA B 119 19.16 8.88 -5.39
N GLN B 120 19.72 9.60 -4.42
CA GLN B 120 21.06 9.34 -3.88
C GLN B 120 22.09 9.36 -4.98
N ILE B 121 22.21 10.51 -5.63
CA ILE B 121 23.08 10.68 -6.78
C ILE B 121 24.44 11.17 -6.34
N GLN B 122 25.51 10.53 -6.79
CA GLN B 122 26.88 10.92 -6.40
C GLN B 122 27.75 11.18 -7.64
N ASP B 123 28.72 12.09 -7.54
CA ASP B 123 29.38 12.70 -8.70
C ASP B 123 29.78 11.83 -9.91
N GLY B 124 30.21 10.59 -9.73
CA GLY B 124 30.75 9.86 -10.87
C GLY B 124 29.87 8.87 -11.62
N GLN B 125 28.56 8.88 -11.33
CA GLN B 125 27.61 7.83 -11.77
C GLN B 125 27.02 7.98 -13.19
N SER B 126 26.55 6.86 -13.76
CA SER B 126 25.71 6.94 -14.95
C SER B 126 24.32 7.30 -14.46
N VAL B 127 23.68 8.28 -15.11
CA VAL B 127 22.35 8.74 -14.73
C VAL B 127 21.42 8.77 -15.94
N LEU B 128 20.30 8.08 -15.86
CA LEU B 128 19.34 8.00 -16.96
C LEU B 128 18.03 8.71 -16.65
N ASP B 129 17.69 9.71 -17.46
CA ASP B 129 16.45 10.48 -17.31
C ASP B 129 15.46 10.05 -18.39
N LEU B 130 14.62 9.07 -18.06
CA LEU B 130 13.54 8.63 -18.92
C LEU B 130 12.39 9.62 -18.92
N GLY B 131 11.98 10.03 -20.13
CA GLY B 131 10.94 11.03 -20.26
C GLY B 131 11.46 12.36 -19.75
N CYS B 132 12.57 12.78 -20.35
CA CYS B 132 13.36 13.90 -19.85
C CYS B 132 12.69 15.26 -19.94
N GLY B 133 11.75 15.41 -20.89
CA GLY B 133 11.08 16.69 -21.09
C GLY B 133 11.95 17.77 -21.72
N GLN B 134 11.95 18.95 -21.10
CA GLN B 134 12.79 20.07 -21.55
C GLN B 134 14.14 20.05 -20.83
N GLY B 135 14.45 18.89 -20.24
CA GLY B 135 15.76 18.61 -19.66
C GLY B 135 16.08 19.23 -18.32
N ALA B 136 15.06 19.68 -17.59
CA ALA B 136 15.24 20.35 -16.31
C ALA B 136 16.09 19.52 -15.34
N LEU B 137 15.79 18.22 -15.26
CA LEU B 137 16.55 17.37 -14.35
C LEU B 137 17.89 17.01 -14.98
N THR B 138 17.87 16.62 -16.25
CA THR B 138 19.11 16.33 -16.98
C THR B 138 20.17 17.44 -16.83
N LEU B 139 19.77 18.68 -17.13
CA LEU B 139 20.71 19.81 -17.06
C LEU B 139 21.14 20.10 -15.64
N HIS B 140 20.23 19.87 -14.71
CA HIS B 140 20.47 20.12 -13.29
C HIS B 140 21.51 19.15 -12.78
N VAL B 141 21.31 17.89 -13.09
CA VAL B 141 22.21 16.83 -12.67
C VAL B 141 23.57 17.01 -13.34
N ALA B 142 23.57 17.49 -14.58
CA ALA B 142 24.81 17.66 -15.30
C ALA B 142 25.62 18.81 -14.72
N GLN B 143 24.97 19.93 -14.38
CA GLN B 143 25.72 21.07 -13.83
C GLN B 143 26.20 20.75 -12.43
N LYS B 144 25.36 20.04 -11.69
CA LYS B 144 25.60 19.78 -10.29
C LYS B 144 26.75 18.78 -10.11
N TYR B 145 26.78 17.72 -10.93
CA TYR B 145 27.80 16.68 -10.77
C TYR B 145 28.65 16.53 -12.02
N LYS B 146 29.77 17.23 -12.06
CA LYS B 146 30.61 17.30 -13.26
C LYS B 146 31.01 15.93 -13.84
N ASN B 147 31.16 14.91 -12.99
CA ASN B 147 31.65 13.62 -13.48
C ASN B 147 30.57 12.57 -13.73
N CYS B 148 29.30 12.99 -13.69
CA CYS B 148 28.17 12.12 -13.99
C CYS B 148 28.00 11.99 -15.50
N ARG B 149 27.59 10.80 -15.95
CA ARG B 149 27.36 10.60 -17.37
C ARG B 149 25.87 10.50 -17.61
N VAL B 150 25.26 11.63 -17.99
CA VAL B 150 23.82 11.74 -18.08
C VAL B 150 23.32 11.37 -19.47
N THR B 151 22.27 10.56 -19.50
CA THR B 151 21.62 10.20 -20.75
C THR B 151 20.16 10.54 -20.60
N ALA B 152 19.69 11.49 -21.40
CA ALA B 152 18.29 11.87 -21.39
C ALA B 152 17.59 11.21 -22.57
N VAL B 153 16.46 10.57 -22.32
CA VAL B 153 15.72 9.88 -23.36
C VAL B 153 14.35 10.50 -23.60
N THR B 154 14.08 10.86 -24.86
CA THR B 154 12.80 11.39 -25.27
C THR B 154 12.44 10.85 -26.66
N ASN B 155 11.17 10.96 -27.03
CA ASN B 155 10.74 10.56 -28.36
C ASN B 155 10.46 11.79 -29.20
N SER B 156 10.30 12.93 -28.53
CA SER B 156 10.18 14.21 -29.20
C SER B 156 11.49 14.64 -29.81
N VAL B 157 11.42 15.63 -30.69
CA VAL B 157 12.59 16.12 -31.37
C VAL B 157 12.79 17.59 -31.00
N SER B 158 11.70 18.26 -30.67
CA SER B 158 11.76 19.64 -30.19
C SER B 158 12.45 19.62 -28.81
N GLN B 159 12.17 18.58 -28.04
CA GLN B 159 12.79 18.40 -26.73
C GLN B 159 14.26 18.04 -26.87
N LYS B 160 14.55 17.04 -27.71
CA LYS B 160 15.92 16.60 -27.95
C LYS B 160 16.83 17.73 -28.42
N GLU B 161 16.35 18.52 -29.37
CA GLU B 161 17.19 19.59 -29.93
C GLU B 161 17.46 20.69 -28.93
N TYR B 162 16.46 21.04 -28.14
CA TYR B 162 16.64 22.05 -27.11
C TYR B 162 17.71 21.63 -26.07
N ILE B 163 17.51 20.46 -25.47
CA ILE B 163 18.44 19.94 -24.47
C ILE B 163 19.88 19.88 -25.00
N GLU B 164 20.07 19.24 -26.16
CA GLU B 164 21.37 19.24 -26.84
C GLU B 164 21.95 20.64 -26.99
N GLU B 165 21.15 21.54 -27.56
CA GLU B 165 21.55 22.92 -27.75
C GLU B 165 21.85 23.63 -26.44
N GLU B 166 20.96 23.47 -25.45
CA GLU B 166 21.16 24.04 -24.12
C GLU B 166 22.39 23.50 -23.38
N SER B 167 22.65 22.19 -23.47
CA SER B 167 23.91 21.64 -22.94
C SER B 167 25.11 22.40 -23.47
N ARG B 168 25.18 22.49 -24.79
CA ARG B 168 26.30 23.15 -25.45
C ARG B 168 26.49 24.55 -24.89
N ARG B 169 25.42 25.33 -24.82
CA ARG B 169 25.54 26.71 -24.37
C ARG B 169 25.84 26.82 -22.88
N ARG B 170 25.28 25.92 -22.09
CA ARG B 170 25.57 25.96 -20.66
C ARG B 170 26.92 25.32 -20.42
N ASN B 171 27.47 24.75 -21.49
CA ASN B 171 28.77 24.08 -21.50
C ASN B 171 28.80 22.85 -20.60
N LEU B 172 27.79 22.00 -20.77
CA LEU B 172 27.69 20.72 -20.08
C LEU B 172 28.17 19.61 -21.01
N LEU B 173 29.38 19.11 -20.77
CA LEU B 173 29.98 18.14 -21.70
C LEU B 173 29.64 16.71 -21.37
N ASN B 174 28.63 16.53 -20.54
CA ASN B 174 28.35 15.20 -20.04
C ASN B 174 26.90 14.82 -20.24
N VAL B 175 26.22 15.53 -21.13
CA VAL B 175 24.85 15.20 -21.49
C VAL B 175 24.76 14.51 -22.84
N GLU B 176 23.96 13.46 -22.93
CA GLU B 176 23.73 12.76 -24.19
C GLU B 176 22.24 12.55 -24.35
N VAL B 177 21.65 13.09 -25.42
CA VAL B 177 20.23 12.91 -25.62
C VAL B 177 20.02 11.81 -26.66
N LYS B 178 19.09 10.92 -26.36
CA LYS B 178 18.80 9.75 -27.19
C LYS B 178 17.34 9.79 -27.54
N LEU B 179 17.07 9.91 -28.84
CA LEU B 179 15.72 9.97 -29.36
C LEU B 179 15.15 8.56 -29.51
N ALA B 180 14.07 8.26 -28.79
CA ALA B 180 13.46 6.93 -28.88
C ALA B 180 12.13 6.86 -28.13
N ASP B 181 11.32 5.88 -28.51
CA ASP B 181 10.08 5.56 -27.80
C ASP B 181 10.34 4.44 -26.78
N ILE B 182 10.18 4.74 -25.50
CA ILE B 182 10.50 3.83 -24.40
C ILE B 182 9.61 2.58 -24.40
N THR B 183 8.40 2.68 -24.93
CA THR B 183 7.48 1.54 -24.99
C THR B 183 8.04 0.39 -25.83
N THR B 184 8.89 0.71 -26.81
CA THR B 184 9.44 -0.30 -27.72
C THR B 184 10.97 -0.30 -27.79
N HIS B 185 11.60 0.66 -27.14
CA HIS B 185 13.06 0.75 -27.15
C HIS B 185 13.75 -0.29 -26.27
N GLU B 186 14.73 -0.97 -26.84
CA GLU B 186 15.62 -1.86 -26.10
C GLU B 186 17.04 -1.31 -26.19
N MET B 187 17.70 -1.14 -25.04
CA MET B 187 19.11 -0.73 -25.05
C MET B 187 19.94 -1.60 -24.10
N ALA B 188 21.12 -1.99 -24.59
CA ALA B 188 21.96 -2.95 -23.88
C ALA B 188 22.93 -2.29 -22.90
N GLU B 189 22.76 -1.00 -22.67
CA GLU B 189 23.55 -0.33 -21.65
C GLU B 189 22.88 -0.42 -20.29
N THR B 190 23.58 0.06 -19.28
CA THR B 190 23.10 -0.09 -17.92
C THR B 190 23.56 1.12 -17.11
N TYR B 191 22.77 1.52 -16.11
CA TYR B 191 22.99 2.78 -15.41
C TYR B 191 22.92 2.67 -13.87
N ASP B 192 23.62 3.55 -13.17
CA ASP B 192 23.66 3.54 -11.70
C ASP B 192 22.43 4.19 -11.09
N ARG B 193 21.86 5.18 -11.80
CA ARG B 193 20.63 5.82 -11.37
C ARG B 193 19.70 5.95 -12.55
N ILE B 194 18.43 5.60 -12.35
CA ILE B 194 17.45 5.84 -13.36
C ILE B 194 16.40 6.75 -12.78
N LEU B 195 16.03 7.78 -13.52
CA LEU B 195 15.04 8.70 -12.99
C LEU B 195 13.90 8.89 -13.98
N VAL B 196 12.70 8.76 -13.44
CA VAL B 196 11.45 8.84 -14.16
C VAL B 196 10.52 9.83 -13.46
N ILE B 197 10.40 11.02 -14.03
CA ILE B 197 9.52 12.04 -13.47
C ILE B 197 8.23 12.19 -14.28
N GLU B 198 7.15 11.63 -13.75
CA GLU B 198 5.81 11.73 -14.33
C GLU B 198 5.71 11.23 -15.78
N LEU B 199 6.23 10.03 -16.03
CA LEU B 199 6.10 9.38 -17.33
C LEU B 199 5.05 8.28 -17.30
N PHE B 200 4.93 7.61 -16.16
CA PHE B 200 4.13 6.38 -16.06
C PHE B 200 2.62 6.62 -16.20
N GLU B 201 2.20 7.85 -15.92
CA GLU B 201 0.81 8.27 -16.13
C GLU B 201 0.35 8.10 -17.59
N HIS B 202 1.29 8.03 -18.53
CA HIS B 202 0.97 7.92 -19.97
C HIS B 202 1.08 6.48 -20.49
N MET B 203 1.44 5.56 -19.61
CA MET B 203 1.71 4.19 -20.03
C MET B 203 0.63 3.27 -19.49
N LYS B 204 0.75 1.97 -19.76
CA LYS B 204 -0.29 1.02 -19.38
C LYS B 204 0.25 -0.22 -18.64
N ASN B 205 0.97 -1.10 -19.35
CA ASN B 205 1.47 -2.30 -18.69
C ASN B 205 2.72 -2.01 -17.88
N TYR B 206 2.49 -1.64 -16.63
CA TYR B 206 3.57 -1.26 -15.75
C TYR B 206 4.45 -2.46 -15.46
N GLU B 207 3.93 -3.67 -15.67
CA GLU B 207 4.75 -4.84 -15.45
C GLU B 207 5.82 -4.94 -16.54
N LEU B 208 5.39 -4.83 -17.80
CA LEU B 208 6.32 -4.91 -18.92
C LEU B 208 7.28 -3.75 -18.89
N LEU B 209 6.76 -2.57 -18.61
CA LEU B 209 7.61 -1.37 -18.57
C LEU B 209 8.65 -1.43 -17.45
N LEU B 210 8.26 -1.89 -16.26
CA LEU B 210 9.22 -2.00 -15.14
C LEU B 210 10.16 -3.20 -15.33
N ARG B 211 9.66 -4.26 -15.96
CA ARG B 211 10.53 -5.37 -16.37
C ARG B 211 11.59 -4.90 -17.38
N LYS B 212 11.20 -4.03 -18.30
CA LYS B 212 12.12 -3.48 -19.30
C LYS B 212 13.16 -2.56 -18.68
N ILE B 213 12.69 -1.68 -17.79
CA ILE B 213 13.53 -0.70 -17.12
C ILE B 213 14.47 -1.35 -16.09
N SER B 214 14.01 -2.44 -15.48
CA SER B 214 14.80 -3.17 -14.50
C SER B 214 16.14 -3.62 -15.07
N GLU B 215 16.17 -3.93 -16.36
CA GLU B 215 17.39 -4.39 -16.98
C GLU B 215 18.39 -3.26 -17.26
N TRP B 216 17.93 -2.01 -17.26
CA TRP B 216 18.82 -0.89 -17.54
C TRP B 216 19.45 -0.36 -16.28
N ILE B 217 19.12 -1.02 -15.17
CA ILE B 217 19.74 -0.76 -13.88
C ILE B 217 20.98 -1.65 -13.66
N SER B 218 22.16 -1.05 -13.60
CA SER B 218 23.38 -1.80 -13.25
C SER B 218 23.25 -2.29 -11.81
N LYS B 219 24.11 -3.21 -11.41
CA LYS B 219 24.06 -3.73 -10.06
C LYS B 219 24.29 -2.61 -9.02
N ASP B 220 23.51 -2.65 -7.93
CA ASP B 220 23.59 -1.67 -6.83
C ASP B 220 23.07 -0.29 -7.25
N GLY B 221 22.44 -0.23 -8.42
CA GLY B 221 21.84 0.99 -8.90
C GLY B 221 20.43 1.14 -8.41
N LEU B 222 19.80 2.27 -8.70
CA LEU B 222 18.49 2.57 -8.15
C LEU B 222 17.59 3.25 -9.19
N LEU B 223 16.30 2.98 -9.07
CA LEU B 223 15.32 3.62 -9.89
C LEU B 223 14.50 4.57 -9.02
N PHE B 224 14.45 5.84 -9.40
CA PHE B 224 13.62 6.81 -8.71
C PHE B 224 12.43 7.21 -9.55
N LEU B 225 11.24 7.19 -8.94
CA LEU B 225 10.00 7.39 -9.67
C LEU B 225 9.15 8.46 -9.00
N GLU B 226 8.81 9.53 -9.74
CA GLU B 226 7.73 10.43 -9.33
C GLU B 226 6.52 10.20 -10.23
N HIS B 227 5.35 10.14 -9.61
CA HIS B 227 4.09 10.07 -10.32
C HIS B 227 3.05 10.85 -9.53
N ILE B 228 2.14 11.54 -10.20
CA ILE B 228 1.03 12.11 -9.44
C ILE B 228 0.09 10.96 -9.11
N CYS B 229 -0.87 11.19 -8.22
CA CYS B 229 -1.77 10.13 -7.79
C CYS B 229 -2.98 10.68 -7.07
N HIS B 230 -3.92 9.78 -6.77
CA HIS B 230 -4.80 10.00 -5.64
C HIS B 230 -4.34 9.24 -4.36
N LYS B 231 -4.68 9.81 -3.22
CA LYS B 231 -4.39 9.25 -1.91
C LYS B 231 -4.71 7.75 -1.79
N THR B 232 -5.83 7.33 -2.38
CA THR B 232 -6.43 6.03 -2.06
C THR B 232 -6.83 5.17 -3.27
N PHE B 233 -7.53 5.75 -4.24
CA PHE B 233 -8.01 4.93 -5.36
C PHE B 233 -7.27 5.24 -6.64
N ALA B 234 -7.54 4.45 -7.67
CA ALA B 234 -6.81 4.53 -8.94
C ALA B 234 -7.77 4.37 -10.10
N TYR B 235 -7.44 4.96 -11.24
CA TYR B 235 -8.35 4.85 -12.39
C TYR B 235 -7.82 5.35 -13.71
N HIS B 236 -8.38 4.82 -14.79
CA HIS B 236 -8.19 5.39 -16.12
C HIS B 236 -8.84 6.80 -16.18
N TYR B 237 -8.17 7.81 -16.77
CA TYR B 237 -8.88 9.08 -17.14
C TYR B 237 -9.83 8.79 -18.25
N GLU B 238 -11.03 8.41 -17.82
CA GLU B 238 -12.19 8.17 -18.67
C GLU B 238 -13.43 8.73 -17.98
N PRO B 239 -14.31 9.42 -18.73
CA PRO B 239 -15.52 10.05 -18.17
C PRO B 239 -16.35 9.15 -17.25
N LEU B 240 -16.86 9.70 -16.15
CA LEU B 240 -17.66 8.92 -15.20
C LEU B 240 -18.94 8.49 -15.85
N ASP B 241 -19.49 9.43 -16.63
CA ASP B 241 -20.81 9.28 -17.20
C ASP B 241 -21.06 10.30 -18.31
N ASP B 242 -22.34 10.50 -18.62
CA ASP B 242 -22.75 11.40 -19.70
C ASP B 242 -22.48 12.87 -19.40
N ASP B 243 -22.17 13.16 -18.14
CA ASP B 243 -22.08 14.54 -17.69
C ASP B 243 -20.66 14.95 -17.32
N ASP B 244 -19.72 14.02 -17.43
CA ASP B 244 -18.35 14.33 -17.04
C ASP B 244 -17.60 14.96 -18.21
N TRP B 245 -17.42 16.27 -18.11
CA TRP B 245 -16.72 17.02 -19.15
C TRP B 245 -15.28 17.25 -18.73
N PHE B 246 -15.00 17.10 -17.44
CA PHE B 246 -13.72 17.50 -16.88
C PHE B 246 -12.56 16.58 -17.23
N THR B 247 -12.84 15.27 -17.30
CA THR B 247 -11.80 14.26 -17.51
C THR B 247 -11.11 14.39 -18.86
N GLU B 248 -11.90 14.76 -19.88
CA GLU B 248 -11.39 14.86 -21.25
C GLU B 248 -11.19 16.32 -21.64
N TYR B 249 -11.43 17.20 -20.67
CA TYR B 249 -11.22 18.63 -20.83
C TYR B 249 -9.79 18.99 -21.29
N VAL B 250 -8.79 18.34 -20.69
CA VAL B 250 -7.41 18.72 -20.96
C VAL B 250 -6.62 17.59 -21.62
N PHE B 251 -6.72 16.39 -21.05
CA PHE B 251 -6.06 15.21 -21.59
C PHE B 251 -7.03 14.39 -22.44
N PRO B 252 -6.63 14.02 -23.66
CA PRO B 252 -7.57 13.27 -24.51
C PRO B 252 -7.67 11.82 -24.05
N ALA B 253 -8.88 11.31 -23.86
CA ALA B 253 -9.05 10.05 -23.11
C ALA B 253 -8.19 8.94 -23.70
N GLY B 254 -7.64 8.12 -22.81
CA GLY B 254 -6.75 7.04 -23.21
C GLY B 254 -5.28 7.39 -23.06
N THR B 255 -5.00 8.66 -22.76
CA THR B 255 -3.63 9.13 -22.62
C THR B 255 -3.18 9.11 -21.18
N MET B 256 -4.15 9.02 -20.27
CA MET B 256 -3.89 9.29 -18.87
C MET B 256 -4.41 8.20 -17.93
N ILE B 257 -3.56 7.85 -16.98
CA ILE B 257 -3.97 7.07 -15.79
C ILE B 257 -3.55 7.81 -14.54
N ILE B 258 -4.46 7.92 -13.59
CA ILE B 258 -4.17 8.42 -12.25
C ILE B 258 -4.01 7.25 -11.28
N PRO B 259 -2.75 6.93 -10.91
CA PRO B 259 -2.46 5.84 -9.95
C PRO B 259 -2.88 6.18 -8.51
N SER B 260 -3.08 5.16 -7.68
CA SER B 260 -3.12 5.38 -6.24
C SER B 260 -1.71 5.55 -5.70
N ALA B 261 -1.58 6.19 -4.53
CA ALA B 261 -0.26 6.39 -3.94
C ALA B 261 0.48 5.07 -3.78
N SER B 262 -0.28 3.97 -3.64
CA SER B 262 0.29 2.64 -3.42
C SER B 262 0.52 1.84 -4.69
N PHE B 263 0.20 2.43 -5.84
CA PHE B 263 -0.01 1.64 -7.04
C PHE B 263 1.18 0.77 -7.41
N PHE B 264 2.37 1.37 -7.47
CA PHE B 264 3.51 0.62 -8.00
C PHE B 264 4.13 -0.30 -6.95
N LEU B 265 3.62 -0.24 -5.73
CA LEU B 265 3.88 -1.31 -4.76
C LEU B 265 3.36 -2.64 -5.26
N TYR B 266 2.36 -2.60 -6.14
CA TYR B 266 1.78 -3.83 -6.69
C TYR B 266 2.50 -4.33 -7.95
N PHE B 267 3.60 -3.66 -8.29
CA PHE B 267 4.41 -4.04 -9.46
C PHE B 267 5.88 -4.22 -9.13
N GLN B 268 6.14 -5.18 -8.24
CA GLN B 268 7.49 -5.41 -7.76
C GLN B 268 7.99 -6.79 -8.16
N ASP B 269 7.74 -7.15 -9.41
CA ASP B 269 8.24 -8.41 -9.94
C ASP B 269 9.75 -8.40 -10.17
N ASP B 270 10.27 -7.27 -10.61
CA ASP B 270 11.65 -7.20 -11.10
C ASP B 270 12.40 -6.06 -10.43
N VAL B 271 11.65 -5.22 -9.72
CA VAL B 271 12.27 -4.25 -8.83
C VAL B 271 11.63 -4.29 -7.45
N SER B 272 12.38 -3.87 -6.45
CA SER B 272 11.94 -3.98 -5.07
C SER B 272 11.98 -2.62 -4.40
N VAL B 273 10.91 -2.23 -3.70
CA VAL B 273 10.83 -0.90 -3.10
C VAL B 273 11.70 -0.75 -1.85
N VAL B 274 12.36 0.39 -1.78
CA VAL B 274 13.35 0.69 -0.75
C VAL B 274 12.83 1.77 0.13
N ASN B 275 12.20 2.74 -0.53
CA ASN B 275 11.62 3.88 0.14
C ASN B 275 10.39 4.38 -0.61
N HIS B 276 9.50 5.06 0.11
CA HIS B 276 8.26 5.58 -0.49
C HIS B 276 7.89 6.88 0.22
N TRP B 277 7.76 7.96 -0.54
CA TRP B 277 7.21 9.20 0.02
C TRP B 277 6.01 9.70 -0.77
N THR B 278 5.16 10.47 -0.10
CA THR B 278 4.20 11.28 -0.80
C THR B 278 4.43 12.73 -0.37
N LEU B 279 3.68 13.62 -0.99
CA LEU B 279 3.98 15.03 -0.98
C LEU B 279 2.67 15.74 -1.32
N SER B 280 2.29 16.74 -0.53
CA SER B 280 0.97 17.34 -0.62
C SER B 280 0.60 17.82 -2.02
N GLY B 281 -0.70 17.76 -2.34
CA GLY B 281 -1.18 18.29 -3.60
C GLY B 281 -0.98 19.79 -3.77
N LYS B 282 -0.78 20.52 -2.67
CA LYS B 282 -0.62 21.97 -2.73
C LYS B 282 0.61 22.35 -3.52
N HIS B 283 1.59 21.45 -3.60
CA HIS B 283 2.79 21.72 -4.38
C HIS B 283 2.52 21.81 -5.87
N PHE B 284 1.81 20.83 -6.44
CA PHE B 284 1.50 20.87 -7.86
C PHE B 284 0.46 21.95 -8.15
N SER B 285 -0.42 22.17 -7.18
CA SER B 285 -1.46 23.19 -7.27
C SER B 285 -0.88 24.58 -7.41
N ARG B 286 0.14 24.89 -6.63
CA ARG B 286 0.79 26.18 -6.75
C ARG B 286 1.61 26.27 -8.04
N THR B 287 2.27 25.16 -8.38
CA THR B 287 2.99 25.07 -9.64
C THR B 287 2.09 25.47 -10.80
N ASN B 288 0.86 24.93 -10.83
CA ASN B 288 -0.11 25.27 -11.86
C ASN B 288 -0.57 26.72 -11.77
N GLU B 289 -0.71 27.20 -10.54
CA GLU B 289 -1.17 28.55 -10.27
C GLU B 289 -0.14 29.59 -10.73
N GLU B 290 1.15 29.24 -10.65
CA GLU B 290 2.21 30.10 -11.15
C GLU B 290 2.38 29.97 -12.66
N TRP B 291 1.97 28.83 -13.22
CA TRP B 291 1.98 28.65 -14.66
C TRP B 291 0.91 29.54 -15.29
N LEU B 292 -0.22 29.61 -14.58
CA LEU B 292 -1.34 30.44 -15.00
C LEU B 292 -1.05 31.94 -14.90
N LYS B 293 -0.50 32.39 -13.77
CA LYS B 293 -0.06 33.79 -13.62
C LYS B 293 0.87 34.17 -14.76
N ARG B 294 1.66 33.20 -15.22
CA ARG B 294 2.66 33.43 -16.26
C ARG B 294 1.99 33.67 -17.64
N LEU B 295 0.95 32.91 -17.96
CA LEU B 295 0.18 33.14 -19.19
C LEU B 295 -0.40 34.54 -19.18
N ASP B 296 -1.37 34.74 -18.30
CA ASP B 296 -2.16 35.97 -18.19
C ASP B 296 -1.31 37.26 -18.14
N ALA B 297 -0.12 37.17 -17.54
CA ALA B 297 0.77 38.34 -17.47
C ALA B 297 1.51 38.59 -18.78
N ASN B 298 1.58 37.58 -19.63
CA ASN B 298 2.29 37.70 -20.92
C ASN B 298 1.37 37.40 -22.10
N LEU B 299 0.09 37.73 -21.98
CA LEU B 299 -0.85 37.61 -23.09
C LEU B 299 -0.37 38.35 -24.34
N ASP B 300 0.20 39.53 -24.14
CA ASP B 300 0.65 40.40 -25.24
C ASP B 300 1.64 39.72 -26.20
N VAL B 301 2.41 38.76 -25.67
CA VAL B 301 3.41 38.03 -26.44
C VAL B 301 2.86 36.66 -26.86
N ILE B 302 2.00 36.11 -26.03
CA ILE B 302 1.43 34.80 -26.31
C ILE B 302 0.45 34.88 -27.51
N LYS B 303 -0.46 35.85 -27.51
CA LYS B 303 -1.48 35.93 -28.57
C LYS B 303 -0.83 35.92 -29.97
N PRO B 304 0.07 36.89 -30.30
CA PRO B 304 0.67 36.92 -31.64
C PRO B 304 1.39 35.63 -32.09
N MET B 305 2.02 34.90 -31.16
CA MET B 305 2.71 33.68 -31.52
C MET B 305 1.74 32.51 -31.67
N PHE B 306 0.61 32.58 -30.96
CA PHE B 306 -0.42 31.58 -31.12
C PHE B 306 -1.16 31.87 -32.41
N GLU B 307 -1.29 33.16 -32.69
CA GLU B 307 -2.02 33.66 -33.85
C GLU B 307 -1.28 33.30 -35.15
N THR B 308 0.04 33.12 -35.07
CA THR B 308 0.81 32.71 -36.25
C THR B 308 1.00 31.19 -36.30
N LEU B 309 1.03 30.55 -35.14
CA LEU B 309 1.17 29.08 -35.12
C LEU B 309 -0.09 28.48 -35.73
N MET B 310 -1.24 28.84 -35.18
CA MET B 310 -2.51 28.63 -35.87
C MET B 310 -2.76 29.85 -36.77
N GLY B 311 -2.47 29.75 -38.06
CA GLY B 311 -2.65 30.89 -38.96
C GLY B 311 -4.09 31.37 -39.02
N ASN B 312 -4.51 32.09 -37.98
CA ASN B 312 -5.92 32.07 -37.58
C ASN B 312 -6.23 32.79 -36.22
N GLU B 313 -7.46 33.33 -36.11
CA GLU B 313 -7.97 33.97 -34.89
C GLU B 313 -9.13 33.17 -34.26
N GLU B 314 -9.85 32.42 -35.11
CA GLU B 314 -10.77 31.32 -34.73
C GLU B 314 -10.20 30.32 -33.73
N GLU B 315 -8.87 30.26 -33.63
CA GLU B 315 -8.22 29.15 -32.96
C GLU B 315 -7.07 29.55 -32.03
N ALA B 316 -6.53 30.75 -32.22
CA ALA B 316 -5.50 31.25 -31.31
C ALA B 316 -6.17 31.44 -29.96
N VAL B 317 -7.45 31.78 -30.01
CA VAL B 317 -8.21 31.98 -28.79
C VAL B 317 -8.51 30.66 -28.09
N LYS B 318 -8.73 29.60 -28.87
CA LYS B 318 -9.13 28.34 -28.27
C LYS B 318 -7.92 27.67 -27.63
N LEU B 319 -6.75 27.93 -28.20
CA LEU B 319 -5.52 27.35 -27.69
C LEU B 319 -5.05 28.05 -26.42
N ILE B 320 -5.25 29.36 -26.31
CA ILE B 320 -4.89 30.02 -25.06
C ILE B 320 -5.82 29.57 -23.93
N ASN B 321 -7.11 29.41 -24.22
CA ASN B 321 -8.05 29.00 -23.20
C ASN B 321 -7.94 27.51 -22.92
N TYR B 322 -7.29 26.79 -23.80
CA TYR B 322 -6.91 25.42 -23.50
C TYR B 322 -5.88 25.40 -22.36
N TRP B 323 -4.93 26.33 -22.43
CA TRP B 323 -3.80 26.29 -21.53
C TRP B 323 -4.18 26.79 -20.14
N ARG B 324 -5.12 27.73 -20.11
CA ARG B 324 -5.79 28.12 -18.87
C ARG B 324 -6.48 26.91 -18.26
N GLY B 325 -7.16 26.12 -19.09
CA GLY B 325 -7.86 24.93 -18.61
C GLY B 325 -6.91 23.94 -17.95
N PHE B 326 -5.83 23.63 -18.65
CA PHE B 326 -4.72 22.83 -18.14
C PHE B 326 -4.38 23.29 -16.74
N CYS B 327 -4.00 24.56 -16.63
CA CYS B 327 -3.60 25.16 -15.35
C CYS B 327 -4.68 25.10 -14.27
N LEU B 328 -5.90 25.48 -14.61
CA LEU B 328 -6.99 25.48 -13.64
C LEU B 328 -7.41 24.06 -13.29
N SER B 329 -7.32 23.13 -14.24
CA SER B 329 -7.50 21.71 -13.92
C SER B 329 -6.55 21.24 -12.82
N GLY B 330 -5.25 21.49 -13.00
CA GLY B 330 -4.26 21.09 -12.01
C GLY B 330 -4.37 21.86 -10.71
N MET B 331 -4.72 23.14 -10.82
CA MET B 331 -4.88 24.02 -9.66
C MET B 331 -5.93 23.52 -8.70
N GLU B 332 -7.06 23.11 -9.23
CA GLU B 332 -8.16 22.79 -8.36
C GLU B 332 -8.11 21.33 -8.01
N MET B 333 -7.64 20.50 -8.94
CA MET B 333 -7.63 19.06 -8.68
C MET B 333 -6.65 18.68 -7.59
N PHE B 334 -5.40 19.13 -7.73
CA PHE B 334 -4.41 18.81 -6.75
C PHE B 334 -4.56 19.71 -5.55
N GLY B 335 -5.23 20.82 -5.76
CA GLY B 335 -5.49 21.73 -4.67
C GLY B 335 -6.61 21.23 -3.77
N TYR B 336 -7.42 20.31 -4.28
CA TYR B 336 -8.67 19.95 -3.61
C TYR B 336 -8.41 19.53 -2.16
N ASN B 337 -9.32 19.92 -1.26
CA ASN B 337 -9.28 19.47 0.13
C ASN B 337 -7.90 19.70 0.78
N ASN B 338 -7.40 20.93 0.65
CA ASN B 338 -6.08 21.32 1.14
C ASN B 338 -4.95 20.37 0.73
N GLY B 339 -5.09 19.73 -0.43
CA GLY B 339 -3.99 19.01 -1.06
C GLY B 339 -3.94 17.55 -0.66
N GLU B 340 -4.99 17.09 0.00
CA GLU B 340 -5.01 15.79 0.64
C GLU B 340 -5.84 14.77 -0.11
N GLU B 341 -6.13 15.03 -1.37
CA GLU B 341 -6.82 14.01 -2.18
C GLU B 341 -5.90 13.59 -3.33
N TRP B 342 -5.64 14.53 -4.23
CA TRP B 342 -4.74 14.28 -5.35
C TRP B 342 -3.37 14.89 -5.01
N MET B 343 -2.31 14.12 -5.24
CA MET B 343 -1.01 14.55 -4.75
C MET B 343 0.10 13.87 -5.54
N ALA B 344 1.35 14.02 -5.10
CA ALA B 344 2.44 13.31 -5.76
C ALA B 344 2.99 12.20 -4.89
N SER B 345 3.61 11.23 -5.54
CA SER B 345 4.17 10.07 -4.88
C SER B 345 5.60 9.87 -5.39
N HIS B 346 6.51 9.55 -4.46
CA HIS B 346 7.92 9.31 -4.77
C HIS B 346 8.32 7.89 -4.32
N VAL B 347 8.79 7.07 -5.25
CA VAL B 347 9.18 5.71 -4.95
C VAL B 347 10.63 5.49 -5.36
N LEU B 348 11.38 4.77 -4.53
CA LEU B 348 12.77 4.43 -4.77
C LEU B 348 12.87 2.91 -4.90
N PHE B 349 13.44 2.43 -6.00
CA PHE B 349 13.56 1.00 -6.24
C PHE B 349 15.00 0.58 -6.38
N LYS B 350 15.28 -0.65 -5.95
CA LYS B 350 16.49 -1.37 -6.34
C LYS B 350 16.08 -2.54 -7.23
N LYS B 351 17.06 -3.21 -7.84
CA LYS B 351 16.83 -4.39 -8.70
C LYS B 351 16.31 -5.61 -7.94
#